data_7KD2
#
_entry.id   7KD2
#
_cell.length_a   77.607
_cell.length_b   99.559
_cell.length_c   111.283
_cell.angle_alpha   90.000
_cell.angle_beta   90.000
_cell.angle_gamma   90.000
#
_symmetry.space_group_name_H-M   'P 21 21 2'
#
loop_
_entity.id
_entity.type
_entity.pdbx_description
1 polymer 'Ricin chain A'
2 polymer 'Ricin chain B'
3 polymer 'VHH antibody V11B2'
4 branched alpha-L-fucopyranose-(1-3)-2-acetamido-2-deoxy-beta-D-glucopyranose
5 branched 2-acetamido-2-deoxy-beta-D-glucopyranose-(1-4)-2-acetamido-2-deoxy-beta-D-glucopyranose
6 branched beta-D-mannopyranose-(1-4)-2-acetamido-2-deoxy-beta-D-glucopyranose-(1-4)-2-acetamido-2-deoxy-beta-D-glucopyranose
7 non-polymer 'ZINC ION'
8 non-polymer 'CHLORIDE ION'
9 water water
#
loop_
_entity_poly.entity_id
_entity_poly.type
_entity_poly.pdbx_seq_one_letter_code
_entity_poly.pdbx_strand_id
1 'polypeptide(L)'
;IFPKQYPIINFTTAGATVQSYTNFIRAVRGRLTTGADVRHEIPVLPNRVGLPINQRFILVELSNHAELSVTLALDVTNAY
VVGYRAGNSAYFFHPDNQEDAEAITHLFTDVQNRYTFAFGGNYDRLEQLAGNLRENIELGNGPLEEAISALYYYSTGGTQ
LPTLARSFIICIQMISEAARFQYIEGEMRTRIRYNRRSAPDPSVITLENSWGRLSTAIQESNQGAFASPIQLQRRNGSKF
SVYDVSILIPIIALMVYRCAPPPSSQF
;
A
2 'polypeptide(L)'
;ADVCMDPEPIVRIVGRNGLCVDVRDGRFHNGNAIQLWPCKSNTDANQLWTLKRDNTIRSNGKCLTTYGYSPGVYVMIYDC
NTAATDATRWQIWDNGTIINPRSSLVLAATSGNSGTTLTVQTNIYAVSQGWLPTNNTQPFVTTIVGLYGLCLQANSGQVW
IEDCSSEKAEQQWALYADGSIRPQQNRDNCLTSDSNIRETVVKILSCGPASSGQRWMFKNDGTILNLYSGLVLDVRASDP
SLKQIILYPLHGDPNQIWLPLF
;
B
3 'polypeptide(L)'
;QVQLVETGGGLVQPGGSLKLSCAASGSISSPNVMGWYRQAPGKQRELVATMTSGGNTYSEDSVKGRFTISRDNAKNTVYL
QMNSLKPEDTAVYYCNARDMWDRSHEYWGQGTQVTVSSEPKTPKPQ
;
C
#
# COMPACT_ATOMS: atom_id res chain seq x y z
N GLN A 5 -5.58 25.07 -21.17
CA GLN A 5 -6.78 24.70 -20.43
C GLN A 5 -6.38 24.00 -19.12
N TYR A 6 -7.13 22.96 -18.77
CA TYR A 6 -6.91 22.20 -17.57
C TYR A 6 -5.61 21.41 -17.67
N PRO A 7 -5.07 20.93 -16.55
CA PRO A 7 -3.91 20.05 -16.62
C PRO A 7 -4.20 18.84 -17.50
N ILE A 8 -3.19 18.42 -18.25
CA ILE A 8 -3.29 17.22 -19.08
C ILE A 8 -2.18 16.27 -18.69
N ILE A 9 -2.54 15.01 -18.46
CA ILE A 9 -1.60 13.93 -18.17
C ILE A 9 -1.64 12.97 -19.35
N ASN A 10 -0.47 12.56 -19.80
CA ASN A 10 -0.30 11.80 -21.02
C ASN A 10 -0.03 10.34 -20.68
N PHE A 11 -0.69 9.41 -21.39
CA PHE A 11 -0.37 7.99 -21.33
C PHE A 11 -0.33 7.42 -22.74
N THR A 12 0.50 6.41 -22.93
CA THR A 12 0.51 5.69 -24.19
C THR A 12 0.71 4.21 -23.94
N THR A 13 0.01 3.43 -24.76
CA THR A 13 0.03 1.98 -24.71
C THR A 13 1.15 1.36 -25.54
N ALA A 14 1.96 2.17 -26.23
CA ALA A 14 2.99 1.69 -27.16
C ALA A 14 4.32 1.61 -26.43
N GLY A 15 4.76 0.40 -26.12
CA GLY A 15 5.86 0.26 -25.19
C GLY A 15 5.49 0.60 -23.76
N ALA A 16 4.22 0.45 -23.39
CA ALA A 16 3.80 0.74 -22.03
C ALA A 16 4.40 -0.31 -21.10
N THR A 17 5.06 0.16 -20.06
CA THR A 17 5.76 -0.72 -19.13
C THR A 17 5.16 -0.56 -17.75
N VAL A 18 5.68 -1.33 -16.80
CA VAL A 18 5.22 -1.23 -15.43
C VAL A 18 5.55 0.16 -14.86
N GLN A 19 6.71 0.71 -15.24
CA GLN A 19 7.03 2.10 -14.91
C GLN A 19 6.03 3.07 -15.52
N SER A 20 5.82 2.94 -16.84
CA SER A 20 5.02 3.94 -17.56
C SER A 20 3.60 4.03 -17.00
N TYR A 21 3.00 2.88 -16.67
CA TYR A 21 1.68 2.91 -16.08
C TYR A 21 1.71 3.42 -14.65
N THR A 22 2.73 3.01 -13.88
CA THR A 22 2.79 3.43 -12.50
C THR A 22 2.95 4.94 -12.40
N ASN A 23 3.88 5.50 -13.17
CA ASN A 23 4.08 6.94 -13.13
C ASN A 23 2.87 7.68 -13.68
N PHE A 24 2.13 7.05 -14.59
CA PHE A 24 0.91 7.66 -15.13
C PHE A 24 -0.13 7.84 -14.03
N ILE A 25 -0.40 6.78 -13.28
CA ILE A 25 -1.46 6.82 -12.27
C ILE A 25 -1.11 7.77 -11.13
N ARG A 26 0.17 7.91 -10.79
CA ARG A 26 0.56 8.90 -9.79
C ARG A 26 0.24 10.29 -10.30
N ALA A 27 0.76 10.62 -11.49
CA ALA A 27 0.53 11.92 -12.09
C ALA A 27 -0.95 12.28 -12.09
N VAL A 28 -1.81 11.32 -12.45
CA VAL A 28 -3.25 11.56 -12.41
C VAL A 28 -3.70 11.85 -11.00
N ARG A 29 -3.19 11.08 -10.02
CA ARG A 29 -3.56 11.31 -8.63
C ARG A 29 -3.10 12.67 -8.15
N GLY A 30 -1.83 13.00 -8.39
CA GLY A 30 -1.29 14.27 -7.96
C GLY A 30 -1.96 15.45 -8.60
N ARG A 31 -2.71 15.24 -9.68
CA ARG A 31 -3.50 16.28 -10.31
C ARG A 31 -4.97 16.26 -9.90
N LEU A 32 -5.46 15.13 -9.37
CA LEU A 32 -6.86 15.09 -8.92
C LEU A 32 -7.03 15.86 -7.61
N THR A 33 -6.25 15.53 -6.61
CA THR A 33 -6.32 16.24 -5.34
C THR A 33 -4.94 16.78 -5.00
N THR A 34 -4.96 17.85 -4.23
CA THR A 34 -3.73 18.48 -3.78
C THR A 34 -3.05 17.72 -2.65
N GLY A 35 -3.64 16.61 -2.20
CA GLY A 35 -3.14 15.97 -1.01
C GLY A 35 -3.29 16.76 0.27
N ALA A 36 -4.13 17.80 0.29
CA ALA A 36 -4.18 18.64 1.49
C ALA A 36 -5.10 18.05 2.56
N ASP A 37 -6.24 17.53 2.16
CA ASP A 37 -7.18 16.88 3.07
C ASP A 37 -6.89 15.38 3.09
N VAL A 38 -6.51 14.87 4.26
CA VAL A 38 -6.27 13.45 4.45
C VAL A 38 -6.96 12.99 5.73
N ARG A 39 -7.75 11.93 5.63
CA ARG A 39 -8.50 11.38 6.74
C ARG A 39 -7.98 9.99 7.02
N HIS A 40 -7.55 9.75 8.27
CA HIS A 40 -7.07 8.45 8.72
C HIS A 40 -6.17 7.82 7.65
N GLU A 41 -5.17 8.61 7.23
CA GLU A 41 -4.11 8.20 6.32
C GLU A 41 -4.58 7.98 4.88
N ILE A 42 -5.74 8.51 4.48
CA ILE A 42 -6.18 8.37 3.09
C ILE A 42 -6.53 9.73 2.48
N PRO A 43 -6.01 10.06 1.30
CA PRO A 43 -6.27 11.40 0.72
C PRO A 43 -7.71 11.60 0.27
N VAL A 44 -8.18 12.84 0.42
CA VAL A 44 -9.54 13.24 0.09
C VAL A 44 -9.50 14.15 -1.14
N LEU A 45 -10.31 13.82 -2.14
CA LEU A 45 -10.46 14.67 -3.32
C LEU A 45 -11.01 16.04 -2.92
N PRO A 46 -10.97 17.03 -3.81
CA PRO A 46 -11.51 18.35 -3.46
C PRO A 46 -13.00 18.32 -3.22
N ASN A 47 -13.45 19.24 -2.39
CA ASN A 47 -14.87 19.48 -2.20
C ASN A 47 -15.43 20.27 -3.38
N ARG A 48 -16.49 19.72 -3.99
CA ARG A 48 -17.16 20.42 -5.08
C ARG A 48 -17.65 21.80 -4.65
N VAL A 49 -18.33 21.87 -3.50
CA VAL A 49 -18.70 23.16 -2.93
C VAL A 49 -17.44 23.97 -2.66
N GLY A 50 -17.36 25.16 -3.25
CA GLY A 50 -16.22 26.03 -3.12
C GLY A 50 -15.13 25.82 -4.16
N LEU A 51 -15.26 24.84 -5.04
CA LEU A 51 -14.21 24.61 -6.02
C LEU A 51 -14.53 25.39 -7.28
N PRO A 52 -13.62 26.22 -7.77
CA PRO A 52 -13.91 27.03 -8.95
C PRO A 52 -13.87 26.21 -10.23
N ILE A 53 -14.54 26.77 -11.23
CA ILE A 53 -14.72 26.09 -12.51
C ILE A 53 -13.38 25.81 -13.18
N ASN A 54 -12.40 26.70 -13.00
CA ASN A 54 -11.09 26.58 -13.64
C ASN A 54 -10.24 25.44 -13.08
N GLN A 55 -10.54 24.95 -11.87
CA GLN A 55 -9.82 23.81 -11.33
C GLN A 55 -10.75 22.62 -11.11
N ARG A 56 -11.83 22.55 -11.90
CA ARG A 56 -12.81 21.48 -11.74
C ARG A 56 -12.41 20.18 -12.44
N PHE A 57 -11.70 20.27 -13.57
CA PHE A 57 -11.38 19.08 -14.34
C PHE A 57 -9.89 18.92 -14.56
N ILE A 58 -9.51 17.69 -14.94
CA ILE A 58 -8.22 17.39 -15.54
C ILE A 58 -8.48 16.50 -16.75
N LEU A 59 -7.51 16.48 -17.67
CA LEU A 59 -7.63 15.72 -18.91
C LEU A 59 -6.50 14.71 -19.05
N VAL A 60 -6.81 13.55 -19.59
CA VAL A 60 -5.83 12.50 -19.84
C VAL A 60 -5.81 12.15 -21.33
N GLU A 61 -4.68 12.32 -21.98
CA GLU A 61 -4.57 12.02 -23.41
C GLU A 61 -4.03 10.61 -23.62
N LEU A 62 -4.82 9.76 -24.27
CA LEU A 62 -4.50 8.34 -24.49
C LEU A 62 -4.20 8.11 -25.97
N SER A 63 -3.05 7.46 -26.24
CA SER A 63 -2.67 7.14 -27.61
C SER A 63 -2.21 5.69 -27.76
N ASN A 64 -2.22 5.25 -29.02
CA ASN A 64 -1.88 3.91 -29.45
C ASN A 64 -0.49 3.88 -30.07
N HIS A 65 -0.06 2.70 -30.49
CA HIS A 65 1.00 2.65 -31.48
C HIS A 65 0.44 2.57 -32.89
N ALA A 66 -0.89 2.60 -33.01
CA ALA A 66 -1.52 3.03 -34.24
C ALA A 66 -1.56 4.55 -34.35
N GLU A 67 -1.04 5.26 -33.36
CA GLU A 67 -0.93 6.71 -33.29
C GLU A 67 -2.29 7.41 -33.17
N LEU A 68 -3.40 6.69 -32.99
CA LEU A 68 -4.63 7.39 -32.65
C LEU A 68 -4.53 7.97 -31.24
N SER A 69 -5.10 9.13 -31.06
CA SER A 69 -5.10 9.78 -29.76
C SER A 69 -6.53 10.17 -29.40
N VAL A 70 -6.74 10.44 -28.12
CA VAL A 70 -8.09 10.74 -27.65
C VAL A 70 -7.92 11.33 -26.26
N THR A 71 -8.68 12.38 -25.94
CA THR A 71 -8.53 13.08 -24.66
C THR A 71 -9.78 12.87 -23.80
N LEU A 72 -9.60 12.30 -22.61
CA LEU A 72 -10.69 12.09 -21.67
C LEU A 72 -10.65 13.12 -20.56
N ALA A 73 -11.82 13.65 -20.22
CA ALA A 73 -11.99 14.59 -19.11
C ALA A 73 -12.44 13.84 -17.87
N LEU A 74 -11.74 14.04 -16.76
CA LEU A 74 -12.15 13.52 -15.46
C LEU A 74 -12.61 14.66 -14.57
N ASP A 75 -13.70 14.42 -13.86
CA ASP A 75 -14.24 15.32 -12.84
C ASP A 75 -13.41 15.14 -11.58
N VAL A 76 -12.63 16.17 -11.25
CA VAL A 76 -11.70 16.13 -10.13
C VAL A 76 -12.38 15.76 -8.81
N THR A 77 -13.66 16.08 -8.65
CA THR A 77 -14.29 15.82 -7.36
C THR A 77 -14.60 14.34 -7.13
N ASN A 78 -14.72 13.55 -8.20
CA ASN A 78 -14.94 12.12 -8.03
C ASN A 78 -13.99 11.25 -8.85
N ALA A 79 -13.05 11.88 -9.57
CA ALA A 79 -12.02 11.21 -10.36
C ALA A 79 -12.60 10.41 -11.52
N TYR A 80 -13.81 10.70 -11.94
CA TYR A 80 -14.53 9.85 -12.88
C TYR A 80 -14.65 10.54 -14.24
N VAL A 81 -14.64 9.73 -15.30
CA VAL A 81 -14.65 10.28 -16.66
C VAL A 81 -16.01 10.86 -16.96
N VAL A 82 -16.04 12.12 -17.41
CA VAL A 82 -17.29 12.75 -17.80
C VAL A 82 -17.45 12.84 -19.31
N GLY A 83 -16.38 12.65 -20.07
CA GLY A 83 -16.47 12.77 -21.52
C GLY A 83 -15.11 12.75 -22.17
N TYR A 84 -15.12 12.83 -23.51
CA TYR A 84 -13.89 12.68 -24.25
C TYR A 84 -13.94 13.45 -25.56
N ARG A 85 -12.82 14.08 -25.88
CA ARG A 85 -12.57 14.72 -27.17
C ARG A 85 -11.85 13.71 -28.08
N ALA A 86 -12.10 13.84 -29.38
CA ALA A 86 -11.42 13.00 -30.38
C ALA A 86 -11.33 13.83 -31.66
N GLY A 87 -10.18 14.45 -31.85
CA GLY A 87 -10.03 15.35 -32.97
C GLY A 87 -10.91 16.55 -32.73
N ASN A 88 -11.85 16.78 -33.66
CA ASN A 88 -12.74 17.94 -33.63
C ASN A 88 -14.15 17.57 -33.16
N SER A 89 -14.29 16.57 -32.28
CA SER A 89 -15.59 16.18 -31.77
C SER A 89 -15.49 15.70 -30.32
N ALA A 90 -16.25 16.34 -29.44
CA ALA A 90 -16.33 15.94 -28.04
C ALA A 90 -17.66 15.25 -27.78
N TYR A 91 -17.62 14.26 -26.89
CA TYR A 91 -18.81 13.54 -26.48
C TYR A 91 -18.85 13.53 -24.95
N PHE A 92 -20.02 13.77 -24.38
CA PHE A 92 -20.16 13.86 -22.94
C PHE A 92 -21.21 12.88 -22.46
N PHE A 93 -20.97 12.29 -21.28
CA PHE A 93 -21.98 11.51 -20.59
C PHE A 93 -23.15 12.40 -20.15
N HIS A 94 -24.36 11.85 -20.22
CA HIS A 94 -25.57 12.54 -19.79
C HIS A 94 -25.40 13.04 -18.36
N PRO A 95 -25.36 14.36 -18.16
CA PRO A 95 -25.13 14.87 -16.81
C PRO A 95 -26.35 14.61 -15.95
N ASP A 96 -26.12 14.00 -14.77
CA ASP A 96 -27.18 13.66 -13.82
C ASP A 96 -27.79 14.86 -13.17
N ASN A 97 -27.47 16.07 -13.64
CA ASN A 97 -27.71 17.27 -12.86
C ASN A 97 -27.37 18.53 -13.66
N GLN A 98 -28.14 19.61 -13.46
CA GLN A 98 -27.99 20.78 -14.33
C GLN A 98 -26.69 21.53 -14.06
N GLU A 99 -26.26 21.63 -12.79
CA GLU A 99 -25.02 22.36 -12.55
C GLU A 99 -23.82 21.59 -13.07
N ASP A 100 -23.89 20.25 -13.10
CA ASP A 100 -22.90 19.48 -13.85
C ASP A 100 -22.96 19.83 -15.32
N ALA A 101 -24.17 19.99 -15.86
CA ALA A 101 -24.32 20.31 -17.28
C ALA A 101 -23.64 21.61 -17.65
N GLU A 102 -23.52 22.56 -16.73
CA GLU A 102 -22.86 23.82 -17.06
C GLU A 102 -21.36 23.71 -16.96
N ALA A 103 -20.85 23.05 -15.91
CA ALA A 103 -19.42 22.81 -15.81
C ALA A 103 -18.91 22.08 -17.05
N ILE A 104 -19.76 21.26 -17.65
CA ILE A 104 -19.42 20.51 -18.86
C ILE A 104 -19.07 21.44 -20.02
N THR A 105 -19.85 22.50 -20.23
CA THR A 105 -19.59 23.41 -21.34
C THR A 105 -18.27 24.17 -21.21
N HIS A 106 -17.60 24.07 -20.06
CA HIS A 106 -16.31 24.72 -19.84
C HIS A 106 -15.13 23.86 -20.28
N LEU A 107 -15.40 22.78 -21.01
CA LEU A 107 -14.37 21.82 -21.38
C LEU A 107 -14.36 21.65 -22.89
N PHE A 108 -13.16 21.46 -23.45
CA PHE A 108 -12.99 21.26 -24.87
C PHE A 108 -13.64 22.41 -25.65
N THR A 109 -13.35 23.64 -25.19
CA THR A 109 -13.94 24.85 -25.76
C THR A 109 -14.06 24.83 -27.28
N ASP A 110 -12.95 24.54 -27.95
CA ASP A 110 -12.77 24.74 -29.37
C ASP A 110 -13.36 23.65 -30.25
N VAL A 111 -13.93 22.58 -29.67
CA VAL A 111 -14.36 21.43 -30.47
C VAL A 111 -15.34 21.90 -31.55
N GLN A 112 -15.23 21.29 -32.73
CA GLN A 112 -16.09 21.66 -33.86
C GLN A 112 -17.55 21.67 -33.43
N ASN A 113 -18.03 20.54 -32.90
CA ASN A 113 -19.26 20.65 -32.12
C ASN A 113 -19.31 19.56 -31.07
N ARG A 114 -20.02 19.88 -29.99
CA ARG A 114 -20.26 19.03 -28.84
C ARG A 114 -21.30 17.98 -29.17
N TYR A 115 -21.28 16.91 -28.37
CA TYR A 115 -22.35 15.92 -28.31
C TYR A 115 -22.52 15.48 -26.87
N THR A 116 -23.77 15.30 -26.45
CA THR A 116 -24.11 14.75 -25.15
C THR A 116 -24.89 13.47 -25.36
N PHE A 117 -24.35 12.36 -24.86
CA PHE A 117 -25.06 11.09 -24.95
C PHE A 117 -26.34 11.14 -24.14
N ALA A 118 -27.30 10.30 -24.52
CA ALA A 118 -28.51 10.18 -23.71
C ALA A 118 -28.27 9.42 -22.41
N PHE A 119 -27.20 8.64 -22.33
CA PHE A 119 -26.96 7.74 -21.21
C PHE A 119 -25.81 8.25 -20.34
N GLY A 120 -25.88 7.93 -19.05
CA GLY A 120 -24.83 8.32 -18.15
C GLY A 120 -23.66 7.37 -18.22
N GLY A 121 -22.55 7.79 -17.58
CA GLY A 121 -21.35 6.99 -17.60
C GLY A 121 -21.23 6.01 -16.45
N ASN A 122 -22.36 5.58 -15.90
CA ASN A 122 -22.35 4.65 -14.78
C ASN A 122 -22.41 3.22 -15.30
N TYR A 123 -21.81 2.29 -14.53
CA TYR A 123 -21.59 0.93 -15.01
C TYR A 123 -22.89 0.24 -15.40
N ASP A 124 -23.94 0.39 -14.60
CA ASP A 124 -25.19 -0.30 -14.89
C ASP A 124 -25.67 0.02 -16.31
N ARG A 125 -25.84 1.30 -16.62
CA ARG A 125 -26.21 1.66 -17.98
C ARG A 125 -25.12 1.27 -18.96
N LEU A 126 -23.86 1.52 -18.61
CA LEU A 126 -22.78 1.29 -19.56
C LEU A 126 -22.66 -0.18 -19.93
N GLU A 127 -22.94 -1.09 -18.99
CA GLU A 127 -22.84 -2.51 -19.31
C GLU A 127 -24.00 -2.95 -20.19
N GLN A 128 -25.19 -2.42 -19.95
CA GLN A 128 -26.35 -2.87 -20.73
C GLN A 128 -26.33 -2.32 -22.14
N LEU A 129 -25.62 -1.21 -22.39
CA LEU A 129 -25.41 -0.78 -23.76
C LEU A 129 -24.34 -1.61 -24.45
N ALA A 130 -23.36 -2.10 -23.70
CA ALA A 130 -22.35 -3.00 -24.21
C ALA A 130 -22.83 -4.45 -24.29
N GLY A 131 -23.95 -4.77 -23.66
CA GLY A 131 -24.46 -6.13 -23.69
C GLY A 131 -23.67 -7.16 -22.90
N ASN A 132 -22.73 -6.73 -22.05
CA ASN A 132 -21.92 -7.63 -21.22
C ASN A 132 -21.48 -6.89 -19.96
N LEU A 133 -21.41 -7.62 -18.84
CA LEU A 133 -21.02 -7.05 -17.55
C LEU A 133 -19.50 -6.88 -17.45
N ARG A 134 -19.08 -6.17 -16.39
CA ARG A 134 -17.65 -6.02 -16.07
C ARG A 134 -16.97 -7.38 -15.92
N GLU A 135 -17.67 -8.34 -15.31
CA GLU A 135 -17.14 -9.66 -15.06
C GLU A 135 -16.61 -10.32 -16.32
N ASN A 136 -17.03 -9.84 -17.49
CA ASN A 136 -16.73 -10.49 -18.75
C ASN A 136 -16.03 -9.58 -19.76
N ILE A 137 -15.62 -8.38 -19.36
CA ILE A 137 -14.91 -7.48 -20.25
C ILE A 137 -13.47 -7.41 -19.79
N GLU A 138 -12.57 -7.95 -20.59
CA GLU A 138 -11.17 -8.08 -20.19
C GLU A 138 -10.47 -6.73 -20.19
N LEU A 139 -9.54 -6.57 -19.25
CA LEU A 139 -8.76 -5.34 -19.14
C LEU A 139 -7.27 -5.65 -19.29
N GLY A 140 -6.51 -4.61 -19.58
CA GLY A 140 -5.10 -4.75 -19.89
C GLY A 140 -4.67 -3.71 -20.91
N ASN A 141 -3.35 -3.66 -21.15
CA ASN A 141 -2.83 -2.73 -22.15
C ASN A 141 -3.39 -3.01 -23.54
N GLY A 142 -3.66 -4.27 -23.86
CA GLY A 142 -4.32 -4.65 -25.09
C GLY A 142 -5.71 -4.08 -25.22
N PRO A 143 -6.61 -4.46 -24.29
CA PRO A 143 -7.98 -3.91 -24.34
C PRO A 143 -8.03 -2.40 -24.37
N LEU A 144 -7.15 -1.72 -23.63
CA LEU A 144 -7.12 -0.28 -23.65
C LEU A 144 -6.78 0.24 -25.04
N GLU A 145 -5.75 -0.34 -25.66
CA GLU A 145 -5.40 -0.01 -27.05
C GLU A 145 -6.62 -0.07 -27.95
N GLU A 146 -7.31 -1.21 -27.94
CA GLU A 146 -8.53 -1.37 -28.70
C GLU A 146 -9.57 -0.30 -28.34
N ALA A 147 -9.74 -0.03 -27.05
CA ALA A 147 -10.71 0.95 -26.61
C ALA A 147 -10.37 2.36 -27.10
N ILE A 148 -9.08 2.70 -27.13
CA ILE A 148 -8.66 4.03 -27.58
C ILE A 148 -9.08 4.26 -29.02
N SER A 149 -8.83 3.26 -29.88
CA SER A 149 -9.25 3.40 -31.27
C SER A 149 -10.77 3.43 -31.39
N ALA A 150 -11.46 2.60 -30.61
CA ALA A 150 -12.91 2.59 -30.69
C ALA A 150 -13.51 3.94 -30.30
N LEU A 151 -12.89 4.67 -29.37
CA LEU A 151 -13.35 6.03 -29.09
C LEU A 151 -13.02 6.97 -30.24
N TYR A 152 -11.86 6.79 -30.87
CA TYR A 152 -11.46 7.71 -31.93
C TYR A 152 -12.41 7.63 -33.13
N TYR A 153 -12.79 6.41 -33.51
CA TYR A 153 -13.55 6.21 -34.73
C TYR A 153 -15.06 6.39 -34.56
N TYR A 154 -15.54 6.56 -33.32
CA TYR A 154 -16.96 6.87 -33.13
C TYR A 154 -17.33 8.14 -33.89
N SER A 155 -16.47 9.17 -33.80
CA SER A 155 -16.64 10.38 -34.60
C SER A 155 -16.78 10.03 -36.07
N THR A 156 -15.99 9.07 -36.55
CA THR A 156 -16.00 8.68 -37.96
C THR A 156 -17.22 7.86 -38.34
N GLY A 157 -17.92 7.26 -37.37
CA GLY A 157 -19.00 6.36 -37.66
C GLY A 157 -18.62 4.91 -37.80
N GLY A 158 -17.39 4.53 -37.43
CA GLY A 158 -16.92 3.17 -37.50
C GLY A 158 -17.08 2.34 -36.23
N THR A 159 -17.46 2.94 -35.10
CA THR A 159 -17.62 2.23 -33.84
C THR A 159 -19.10 2.10 -33.48
N GLN A 160 -19.57 0.86 -33.39
CA GLN A 160 -20.95 0.59 -33.00
C GLN A 160 -21.14 0.79 -31.49
N LEU A 161 -22.38 1.11 -31.12
CA LEU A 161 -22.70 1.51 -29.74
C LEU A 161 -22.21 0.54 -28.68
N PRO A 162 -22.45 -0.79 -28.78
CA PRO A 162 -21.98 -1.68 -27.71
C PRO A 162 -20.47 -1.66 -27.52
N THR A 163 -19.72 -1.40 -28.58
CA THR A 163 -18.27 -1.29 -28.51
C THR A 163 -17.82 0.01 -27.87
N LEU A 164 -18.58 1.10 -28.06
CA LEU A 164 -18.25 2.36 -27.40
C LEU A 164 -18.44 2.26 -25.89
N ALA A 165 -19.53 1.63 -25.45
CA ALA A 165 -19.73 1.41 -24.02
C ALA A 165 -18.67 0.48 -23.46
N ARG A 166 -18.33 -0.57 -24.22
N ARG A 166 -18.32 -0.56 -24.21
CA ARG A 166 -17.29 -1.50 -23.80
CA ARG A 166 -17.28 -1.48 -23.74
C ARG A 166 -15.95 -0.79 -23.67
C ARG A 166 -15.94 -0.76 -23.64
N SER A 167 -15.66 0.14 -24.58
CA SER A 167 -14.44 0.92 -24.49
C SER A 167 -14.45 1.86 -23.31
N PHE A 168 -15.63 2.39 -22.96
CA PHE A 168 -15.75 3.27 -21.80
C PHE A 168 -15.49 2.48 -20.51
N ILE A 169 -16.05 1.28 -20.41
CA ILE A 169 -15.84 0.43 -19.23
C ILE A 169 -14.36 0.10 -19.06
N ILE A 170 -13.62 -0.03 -20.17
CA ILE A 170 -12.20 -0.32 -20.05
C ILE A 170 -11.45 0.90 -19.51
N CYS A 171 -11.74 2.08 -20.06
CA CYS A 171 -10.97 3.26 -19.66
C CYS A 171 -11.28 3.70 -18.24
N ILE A 172 -12.55 3.59 -17.83
CA ILE A 172 -12.94 4.07 -16.51
C ILE A 172 -12.21 3.28 -15.42
N GLN A 173 -12.13 1.96 -15.59
CA GLN A 173 -11.45 1.16 -14.57
C GLN A 173 -9.94 1.32 -14.61
N MET A 174 -9.35 1.31 -15.80
CA MET A 174 -7.90 1.34 -15.88
C MET A 174 -7.34 2.73 -15.69
N ILE A 175 -8.20 3.74 -15.67
CA ILE A 175 -7.78 5.09 -15.31
C ILE A 175 -8.36 5.48 -13.95
N SER A 176 -9.66 5.77 -13.92
CA SER A 176 -10.29 6.37 -12.73
C SER A 176 -10.23 5.43 -11.52
N GLU A 177 -10.76 4.22 -11.67
CA GLU A 177 -10.79 3.29 -10.54
C GLU A 177 -9.38 2.95 -10.05
N ALA A 178 -8.42 2.85 -10.97
CA ALA A 178 -7.05 2.62 -10.55
C ALA A 178 -6.52 3.83 -9.77
N ALA A 179 -6.89 5.04 -10.18
CA ALA A 179 -6.46 6.21 -9.42
C ALA A 179 -7.06 6.23 -8.01
N ARG A 180 -8.23 5.61 -7.81
CA ARG A 180 -8.84 5.62 -6.49
C ARG A 180 -8.24 4.55 -5.60
N PHE A 181 -7.92 3.40 -6.18
CA PHE A 181 -7.52 2.20 -5.44
C PHE A 181 -6.13 1.78 -5.90
N GLN A 182 -5.13 1.93 -5.03
CA GLN A 182 -3.84 1.27 -5.28
C GLN A 182 -4.05 -0.19 -5.58
N TYR A 183 -4.99 -0.82 -4.86
CA TYR A 183 -5.32 -2.21 -5.11
C TYR A 183 -5.58 -2.45 -6.60
N ILE A 184 -6.43 -1.61 -7.19
CA ILE A 184 -6.87 -1.80 -8.55
C ILE A 184 -5.76 -1.44 -9.53
N GLU A 185 -4.99 -0.40 -9.20
CA GLU A 185 -3.78 -0.09 -9.95
C GLU A 185 -2.84 -1.31 -10.01
N GLY A 186 -2.69 -2.03 -8.90
CA GLY A 186 -1.82 -3.20 -8.88
C GLY A 186 -2.34 -4.35 -9.72
N GLU A 187 -3.67 -4.51 -9.78
CA GLU A 187 -4.26 -5.52 -10.65
C GLU A 187 -4.00 -5.16 -12.12
N MET A 188 -4.10 -3.89 -12.48
CA MET A 188 -3.71 -3.46 -13.82
C MET A 188 -2.21 -3.64 -14.02
N ARG A 189 -1.41 -3.23 -13.05
CA ARG A 189 0.04 -3.41 -13.15
C ARG A 189 0.41 -4.87 -13.36
N THR A 190 -0.28 -5.79 -12.67
CA THR A 190 0.00 -7.21 -12.89
C THR A 190 -0.26 -7.60 -14.34
N ARG A 191 -1.30 -7.02 -14.95
CA ARG A 191 -1.59 -7.37 -16.33
C ARG A 191 -0.54 -6.83 -17.28
N ILE A 192 -0.10 -5.57 -17.08
CA ILE A 192 1.00 -5.02 -17.87
C ILE A 192 2.28 -5.80 -17.66
N ARG A 193 2.47 -6.39 -16.47
CA ARG A 193 3.69 -7.13 -16.17
C ARG A 193 3.80 -8.36 -17.06
N TYR A 194 2.73 -9.15 -17.15
CA TYR A 194 2.74 -10.40 -17.91
C TYR A 194 2.05 -10.30 -19.26
N ASN A 195 1.78 -9.09 -19.75
CA ASN A 195 1.07 -8.86 -21.00
C ASN A 195 -0.10 -9.82 -21.17
N ARG A 196 -0.96 -9.87 -20.16
CA ARG A 196 -2.16 -10.69 -20.20
C ARG A 196 -3.41 -9.81 -20.33
N ARG A 197 -4.48 -10.43 -20.80
CA ARG A 197 -5.81 -9.81 -20.84
C ARG A 197 -6.69 -10.58 -19.88
N SER A 198 -7.50 -9.85 -19.12
CA SER A 198 -8.17 -10.47 -17.99
C SER A 198 -9.31 -9.58 -17.52
N ALA A 199 -10.51 -10.16 -17.41
CA ALA A 199 -11.63 -9.49 -16.78
C ALA A 199 -11.39 -9.38 -15.27
N PRO A 200 -11.90 -8.32 -14.64
CA PRO A 200 -11.64 -8.11 -13.23
C PRO A 200 -12.28 -9.17 -12.35
N ASP A 201 -11.55 -9.60 -11.32
CA ASP A 201 -12.05 -10.61 -10.40
C ASP A 201 -13.08 -9.98 -9.46
N PRO A 202 -13.81 -10.80 -8.68
CA PRO A 202 -14.84 -10.21 -7.81
C PRO A 202 -14.30 -9.18 -6.83
N SER A 203 -13.05 -9.32 -6.37
N SER A 203 -13.05 -9.33 -6.40
CA SER A 203 -12.49 -8.32 -5.47
CA SER A 203 -12.44 -8.35 -5.50
C SER A 203 -12.48 -6.94 -6.12
C SER A 203 -12.39 -6.97 -6.11
N VAL A 204 -12.20 -6.87 -7.42
CA VAL A 204 -12.09 -5.56 -8.05
C VAL A 204 -13.47 -4.94 -8.29
N ILE A 205 -14.41 -5.75 -8.80
CA ILE A 205 -15.81 -5.28 -8.96
C ILE A 205 -16.30 -4.64 -7.67
N THR A 206 -16.08 -5.34 -6.56
CA THR A 206 -16.70 -4.99 -5.30
C THR A 206 -16.15 -3.66 -4.78
N LEU A 207 -14.83 -3.49 -4.86
CA LEU A 207 -14.24 -2.23 -4.44
C LEU A 207 -14.84 -1.06 -5.20
N GLU A 208 -14.95 -1.21 -6.53
CA GLU A 208 -15.50 -0.11 -7.32
C GLU A 208 -16.96 0.12 -7.04
N ASN A 209 -17.71 -0.94 -6.67
CA ASN A 209 -19.10 -0.77 -6.24
C ASN A 209 -19.19 -0.06 -4.89
N SER A 210 -18.15 -0.21 -4.06
CA SER A 210 -18.12 0.21 -2.67
C SER A 210 -17.44 1.55 -2.46
N TRP A 211 -16.78 2.09 -3.48
CA TRP A 211 -16.00 3.32 -3.33
C TRP A 211 -16.79 4.43 -2.66
N GLY A 212 -17.99 4.71 -3.17
CA GLY A 212 -18.76 5.80 -2.59
C GLY A 212 -19.04 5.56 -1.13
N ARG A 213 -19.37 4.33 -0.78
CA ARG A 213 -19.75 4.02 0.59
C ARG A 213 -18.54 3.91 1.50
N LEU A 214 -17.41 3.44 0.96
CA LEU A 214 -16.15 3.47 1.72
C LEU A 214 -15.74 4.91 2.02
N SER A 215 -15.89 5.81 1.04
CA SER A 215 -15.58 7.20 1.29
C SER A 215 -16.41 7.72 2.45
N THR A 216 -17.70 7.36 2.51
CA THR A 216 -18.54 7.80 3.61
C THR A 216 -18.11 7.15 4.94
N ALA A 217 -17.86 5.84 4.93
CA ALA A 217 -17.60 5.16 6.20
C ALA A 217 -16.29 5.62 6.84
N ILE A 218 -15.26 5.88 6.05
CA ILE A 218 -14.01 6.34 6.65
C ILE A 218 -14.16 7.77 7.17
N GLN A 219 -14.79 8.63 6.39
CA GLN A 219 -14.84 10.03 6.79
C GLN A 219 -15.77 10.25 7.97
N GLU A 220 -16.81 9.43 8.13
CA GLU A 220 -17.71 9.54 9.28
C GLU A 220 -17.41 8.48 10.33
N SER A 221 -16.16 8.28 10.76
CA SER A 221 -15.80 6.99 11.32
C SER A 221 -15.60 6.96 12.83
N ASN A 222 -15.78 8.09 13.52
CA ASN A 222 -15.30 8.18 14.90
C ASN A 222 -13.77 8.04 14.83
N GLN A 223 -13.17 7.02 15.44
CA GLN A 223 -11.71 7.00 15.46
C GLN A 223 -11.10 5.93 14.56
N GLY A 224 -11.69 5.65 13.40
CA GLY A 224 -11.30 4.55 12.52
C GLY A 224 -12.33 3.45 12.37
N ALA A 225 -13.07 3.12 13.44
CA ALA A 225 -14.08 2.05 13.43
C ALA A 225 -15.38 2.53 12.80
N PHE A 226 -15.98 1.67 12.01
CA PHE A 226 -17.13 2.04 11.21
C PHE A 226 -18.40 1.93 12.04
N ALA A 227 -19.36 2.79 11.71
CA ALA A 227 -20.68 2.67 12.30
C ALA A 227 -21.30 1.33 11.93
N SER A 228 -21.25 0.98 10.64
CA SER A 228 -21.73 -0.29 10.13
C SER A 228 -20.65 -0.90 9.24
N PRO A 229 -20.62 -2.21 9.11
CA PRO A 229 -19.58 -2.83 8.30
C PRO A 229 -19.79 -2.55 6.82
N ILE A 230 -18.75 -2.82 6.04
CA ILE A 230 -18.85 -2.83 4.59
C ILE A 230 -18.35 -4.17 4.09
N GLN A 231 -19.14 -4.80 3.22
CA GLN A 231 -18.82 -6.12 2.69
C GLN A 231 -17.95 -6.01 1.46
N LEU A 232 -16.90 -6.83 1.42
CA LEU A 232 -15.96 -6.89 0.32
C LEU A 232 -15.84 -8.33 -0.12
N GLN A 233 -15.00 -8.54 -1.13
CA GLN A 233 -14.82 -9.87 -1.69
C GLN A 233 -13.34 -10.15 -1.88
N ARG A 234 -12.96 -11.40 -1.67
CA ARG A 234 -11.62 -11.85 -1.94
C ARG A 234 -11.50 -12.08 -3.44
N ARG A 235 -10.37 -12.60 -3.92
CA ARG A 235 -10.23 -12.84 -5.35
C ARG A 235 -11.11 -14.00 -5.81
N ASN A 236 -11.35 -14.98 -4.95
CA ASN A 236 -12.49 -15.87 -5.18
C ASN A 236 -13.77 -15.11 -4.85
N GLY A 237 -14.91 -15.74 -5.12
CA GLY A 237 -16.14 -15.04 -4.80
C GLY A 237 -16.39 -14.81 -3.31
N SER A 238 -15.58 -15.43 -2.45
CA SER A 238 -15.89 -15.48 -1.02
C SER A 238 -15.89 -14.08 -0.40
N LYS A 239 -16.72 -13.93 0.63
CA LYS A 239 -17.07 -12.63 1.19
C LYS A 239 -16.52 -12.46 2.59
N PHE A 240 -16.36 -11.19 2.98
CA PHE A 240 -15.82 -10.82 4.28
C PHE A 240 -16.07 -9.33 4.47
N SER A 241 -16.20 -8.93 5.74
CA SER A 241 -16.61 -7.58 6.07
C SER A 241 -15.43 -6.78 6.60
N VAL A 242 -15.47 -5.46 6.36
CA VAL A 242 -14.50 -4.53 6.95
C VAL A 242 -15.24 -3.63 7.92
N TYR A 243 -14.69 -3.50 9.13
CA TYR A 243 -15.23 -2.63 10.16
C TYR A 243 -14.36 -1.43 10.42
N ASP A 244 -13.19 -1.34 9.82
CA ASP A 244 -12.22 -0.38 10.31
C ASP A 244 -11.39 0.17 9.17
N VAL A 245 -10.87 1.37 9.40
CA VAL A 245 -10.03 2.04 8.42
C VAL A 245 -8.81 1.22 8.05
N SER A 246 -8.26 0.41 8.98
CA SER A 246 -6.83 0.14 8.96
C SER A 246 -6.43 -0.70 7.74
N ILE A 247 -7.23 -1.72 7.40
CA ILE A 247 -6.92 -2.53 6.23
C ILE A 247 -7.18 -1.78 4.94
N LEU A 248 -7.99 -0.71 4.99
CA LEU A 248 -8.23 0.05 3.77
C LEU A 248 -7.07 0.98 3.41
N ILE A 249 -6.25 1.37 4.39
CA ILE A 249 -5.18 2.34 4.11
C ILE A 249 -4.31 1.94 2.91
N PRO A 250 -3.86 0.69 2.77
CA PRO A 250 -3.10 0.32 1.56
C PRO A 250 -3.96 0.09 0.33
N ILE A 251 -5.29 0.16 0.44
CA ILE A 251 -6.16 -0.26 -0.64
C ILE A 251 -6.86 0.90 -1.33
N ILE A 252 -7.09 2.02 -0.64
CA ILE A 252 -7.78 3.18 -1.20
C ILE A 252 -6.81 4.36 -1.21
N ALA A 253 -6.74 5.09 -2.32
CA ALA A 253 -5.77 6.17 -2.50
C ALA A 253 -6.41 7.55 -2.60
N LEU A 254 -7.69 7.63 -2.99
CA LEU A 254 -8.45 8.86 -3.04
C LEU A 254 -9.87 8.57 -2.55
N MET A 255 -10.47 9.55 -1.88
CA MET A 255 -11.87 9.47 -1.47
C MET A 255 -12.61 10.69 -1.98
N VAL A 256 -13.88 10.49 -2.34
CA VAL A 256 -14.75 11.64 -2.61
C VAL A 256 -15.07 12.36 -1.30
N TYR A 257 -14.91 13.69 -1.32
CA TYR A 257 -15.17 14.51 -0.13
C TYR A 257 -16.63 14.39 0.26
N ARG A 258 -16.88 14.05 1.52
CA ARG A 258 -18.23 13.84 2.01
C ARG A 258 -18.63 14.75 3.18
N CYS A 259 -17.68 15.21 4.00
CA CYS A 259 -17.99 16.22 5.02
C CYS A 259 -16.68 16.87 5.46
N ALA A 260 -16.78 17.83 6.39
CA ALA A 260 -15.60 18.49 6.92
C ALA A 260 -15.18 17.80 8.20
N PRO A 261 -13.90 17.84 8.53
CA PRO A 261 -13.45 17.28 9.78
C PRO A 261 -13.47 18.33 10.88
N PRO A 262 -13.72 17.93 12.13
CA PRO A 262 -13.77 18.75 13.35
C PRO A 262 -12.83 19.96 13.33
N ASP B 2 -22.28 19.19 5.98
CA ASP B 2 -22.10 19.24 7.42
C ASP B 2 -20.67 18.89 7.81
N VAL B 3 -20.30 19.15 9.07
CA VAL B 3 -19.20 18.41 9.65
C VAL B 3 -19.61 16.95 9.76
N CYS B 4 -18.62 16.07 9.67
CA CYS B 4 -18.88 14.64 9.73
C CYS B 4 -19.41 14.29 11.11
N MET B 5 -20.64 13.82 11.20
CA MET B 5 -21.07 13.24 12.46
C MET B 5 -20.13 12.10 12.83
N ASP B 6 -19.72 12.02 14.08
CA ASP B 6 -19.12 10.72 14.21
C ASP B 6 -19.98 9.84 15.13
N PRO B 7 -20.12 8.56 14.78
CA PRO B 7 -21.11 7.71 15.46
C PRO B 7 -20.53 7.05 16.70
N GLU B 8 -21.29 6.13 17.32
CA GLU B 8 -20.88 5.45 18.54
C GLU B 8 -20.95 3.95 18.27
N PRO B 9 -19.94 3.41 17.60
CA PRO B 9 -19.99 1.98 17.23
C PRO B 9 -19.76 1.08 18.43
N ILE B 10 -20.61 0.07 18.53
CA ILE B 10 -20.44 -1.05 19.44
C ILE B 10 -19.55 -2.07 18.73
N VAL B 11 -18.45 -2.47 19.35
CA VAL B 11 -17.44 -3.23 18.64
C VAL B 11 -16.54 -3.97 19.63
N ARG B 12 -16.00 -5.11 19.19
CA ARG B 12 -14.94 -5.77 19.92
C ARG B 12 -13.60 -5.05 19.68
N ILE B 13 -12.65 -5.30 20.58
CA ILE B 13 -11.28 -4.82 20.44
C ILE B 13 -10.36 -6.03 20.51
N VAL B 14 -9.70 -6.34 19.40
CA VAL B 14 -8.76 -7.45 19.32
C VAL B 14 -7.36 -6.92 19.46
N GLY B 15 -6.47 -7.74 20.00
CA GLY B 15 -5.08 -7.37 20.16
C GLY B 15 -4.11 -8.53 20.10
N ARG B 16 -3.32 -8.71 21.17
CA ARG B 16 -2.19 -9.62 21.16
C ARG B 16 -2.62 -11.04 20.85
N ASN B 17 -1.89 -11.69 19.95
CA ASN B 17 -2.18 -13.08 19.57
C ASN B 17 -3.63 -13.26 19.16
N GLY B 18 -4.30 -12.16 18.79
CA GLY B 18 -5.66 -12.21 18.28
C GLY B 18 -6.72 -12.47 19.32
N LEU B 19 -6.51 -12.03 20.55
CA LEU B 19 -7.50 -12.18 21.60
C LEU B 19 -8.17 -10.84 21.90
N CYS B 20 -9.24 -10.90 22.66
CA CYS B 20 -10.17 -9.80 22.78
C CYS B 20 -10.05 -9.10 24.13
N VAL B 21 -10.50 -7.85 24.16
CA VAL B 21 -10.60 -7.04 25.37
C VAL B 21 -11.85 -7.48 26.16
N ASP B 22 -11.64 -7.97 27.39
CA ASP B 22 -12.65 -8.73 28.13
C ASP B 22 -12.72 -8.27 29.58
N VAL B 23 -13.92 -7.95 30.05
CA VAL B 23 -14.12 -7.73 31.49
C VAL B 23 -14.12 -9.09 32.17
N ARG B 24 -13.18 -9.30 33.11
CA ARG B 24 -12.91 -10.64 33.62
C ARG B 24 -14.15 -11.26 34.26
N ASP B 25 -14.48 -12.46 33.82
CA ASP B 25 -15.62 -13.22 34.31
C ASP B 25 -16.93 -12.48 34.13
N GLY B 26 -16.93 -11.36 33.39
CA GLY B 26 -18.13 -10.59 33.19
C GLY B 26 -18.69 -9.94 34.44
N ARG B 27 -17.87 -9.76 35.47
CA ARG B 27 -18.25 -9.05 36.69
C ARG B 27 -17.97 -7.57 36.51
N PHE B 28 -19.02 -6.75 36.59
CA PHE B 28 -18.85 -5.33 36.31
C PHE B 28 -18.73 -4.49 37.57
N HIS B 29 -18.35 -5.10 38.69
CA HIS B 29 -18.05 -4.34 39.89
C HIS B 29 -16.89 -3.38 39.63
N ASN B 30 -17.03 -2.16 40.14
CA ASN B 30 -15.98 -1.16 40.00
C ASN B 30 -14.67 -1.72 40.51
N GLY B 31 -13.61 -1.51 39.72
CA GLY B 31 -12.27 -1.95 40.06
C GLY B 31 -11.88 -3.28 39.47
N ASN B 32 -12.83 -4.02 38.91
CA ASN B 32 -12.50 -5.34 38.38
C ASN B 32 -11.69 -5.22 37.09
N ALA B 33 -10.84 -6.22 36.86
CA ALA B 33 -9.77 -6.11 35.87
C ALA B 33 -10.26 -6.34 34.44
N ILE B 34 -9.59 -5.65 33.50
CA ILE B 34 -9.72 -5.94 32.08
C ILE B 34 -8.64 -6.93 31.67
N GLN B 35 -9.03 -7.99 30.96
CA GLN B 35 -8.13 -9.07 30.60
C GLN B 35 -8.18 -9.37 29.11
N LEU B 36 -7.16 -10.09 28.63
CA LEU B 36 -7.19 -10.73 27.32
C LEU B 36 -7.99 -12.03 27.42
N TRP B 37 -8.92 -12.21 26.48
CA TRP B 37 -9.72 -13.42 26.47
C TRP B 37 -10.01 -13.80 25.03
N PRO B 38 -10.07 -15.10 24.74
CA PRO B 38 -10.46 -15.54 23.39
C PRO B 38 -11.74 -14.83 22.98
N CYS B 39 -11.70 -14.22 21.80
CA CYS B 39 -12.85 -13.54 21.25
C CYS B 39 -14.04 -14.48 21.15
N LYS B 40 -15.16 -14.07 21.74
CA LYS B 40 -16.39 -14.84 21.71
C LYS B 40 -17.17 -14.52 20.44
N SER B 41 -18.20 -15.33 20.20
CA SER B 41 -19.08 -15.14 19.06
C SER B 41 -20.52 -14.88 19.48
N ASN B 42 -20.73 -14.56 20.76
CA ASN B 42 -22.07 -14.43 21.34
C ASN B 42 -22.44 -12.97 21.56
N THR B 43 -23.42 -12.72 22.42
CA THR B 43 -23.89 -11.38 22.73
C THR B 43 -23.28 -10.81 24.01
N ASP B 44 -22.51 -11.59 24.77
CA ASP B 44 -22.01 -11.17 26.07
C ASP B 44 -21.40 -9.77 26.02
N ALA B 45 -21.94 -8.87 26.85
CA ALA B 45 -21.55 -7.47 26.82
C ALA B 45 -20.10 -7.22 27.21
N ASN B 46 -19.41 -8.20 27.79
CA ASN B 46 -18.10 -7.94 28.37
C ASN B 46 -16.96 -8.00 27.36
N GLN B 47 -17.24 -8.32 26.10
CA GLN B 47 -16.27 -8.12 25.03
C GLN B 47 -16.79 -7.15 23.98
N LEU B 48 -17.89 -6.45 24.28
CA LEU B 48 -18.52 -5.49 23.39
C LEU B 48 -18.31 -4.08 23.93
N TRP B 49 -17.81 -3.18 23.09
CA TRP B 49 -17.35 -1.87 23.55
C TRP B 49 -17.94 -0.75 22.68
N THR B 50 -18.69 0.14 23.31
CA THR B 50 -19.16 1.37 22.67
C THR B 50 -18.03 2.40 22.67
N LEU B 51 -17.74 2.96 21.49
CA LEU B 51 -16.71 3.99 21.39
C LEU B 51 -17.46 5.32 21.34
N LYS B 52 -17.61 5.92 22.51
CA LYS B 52 -18.49 7.07 22.66
C LYS B 52 -17.86 8.32 22.05
N ARG B 53 -18.73 9.27 21.66
CA ARG B 53 -18.26 10.55 21.15
C ARG B 53 -17.35 11.27 22.13
N ASP B 54 -17.50 11.01 23.43
CA ASP B 54 -16.72 11.72 24.43
C ASP B 54 -15.42 11.02 24.79
N ASN B 55 -14.90 10.16 23.90
CA ASN B 55 -13.63 9.46 24.06
C ASN B 55 -13.67 8.42 25.18
N THR B 56 -14.83 7.91 25.50
CA THR B 56 -14.90 6.82 26.45
C THR B 56 -15.18 5.52 25.72
N ILE B 57 -14.69 4.43 26.28
CA ILE B 57 -14.87 3.11 25.73
C ILE B 57 -15.61 2.32 26.79
N ARG B 58 -16.83 1.89 26.47
CA ARG B 58 -17.76 1.43 27.49
C ARG B 58 -18.29 0.03 27.18
N SER B 59 -18.41 -0.77 28.25
CA SER B 59 -18.97 -2.12 28.20
C SER B 59 -20.08 -2.22 29.23
N ASN B 60 -21.27 -2.59 28.77
CA ASN B 60 -22.45 -2.79 29.62
C ASN B 60 -22.92 -1.51 30.31
N GLY B 61 -22.09 -0.47 30.32
CA GLY B 61 -22.48 0.81 30.86
C GLY B 61 -21.30 1.52 31.50
N LYS B 62 -20.26 0.76 31.83
CA LYS B 62 -19.14 1.28 32.62
C LYS B 62 -17.95 1.61 31.73
N CYS B 63 -16.96 2.29 32.31
CA CYS B 63 -15.86 2.84 31.54
C CYS B 63 -14.59 2.02 31.74
N LEU B 64 -13.94 1.71 30.62
CA LEU B 64 -12.56 1.27 30.63
C LEU B 64 -11.72 2.38 31.26
N THR B 65 -11.01 2.03 32.33
CA THR B 65 -10.39 3.03 33.20
C THR B 65 -9.02 2.54 33.60
N THR B 66 -8.05 3.44 33.54
CA THR B 66 -6.72 3.10 34.01
C THR B 66 -6.67 3.33 35.53
N TYR B 67 -6.07 2.37 36.25
CA TYR B 67 -5.97 2.45 37.70
C TYR B 67 -5.09 3.63 38.14
N GLY B 68 -4.38 4.26 37.21
CA GLY B 68 -3.40 5.25 37.59
C GLY B 68 -2.66 5.68 36.35
N TYR B 69 -1.66 6.52 36.55
CA TYR B 69 -0.98 7.18 35.44
C TYR B 69 0.50 6.80 35.36
N SER B 70 0.93 5.72 36.09
CA SER B 70 2.31 5.24 36.03
C SER B 70 2.40 3.96 35.17
N PRO B 71 3.55 3.71 34.55
CA PRO B 71 3.70 2.49 33.76
C PRO B 71 3.45 1.26 34.62
N GLY B 72 2.84 0.25 34.02
CA GLY B 72 2.66 -1.01 34.71
C GLY B 72 1.38 -1.15 35.52
N VAL B 73 0.66 -0.04 35.82
CA VAL B 73 -0.58 -0.15 36.55
C VAL B 73 -1.67 -0.66 35.62
N TYR B 74 -2.67 -1.31 36.19
CA TYR B 74 -3.61 -2.09 35.41
C TYR B 74 -4.81 -1.24 34.97
N VAL B 75 -5.72 -1.88 34.26
CA VAL B 75 -6.88 -1.25 33.66
C VAL B 75 -8.10 -2.03 34.11
N MET B 76 -9.15 -1.30 34.48
CA MET B 76 -10.31 -1.84 35.17
C MET B 76 -11.57 -1.35 34.45
N ILE B 77 -12.68 -1.99 34.77
CA ILE B 77 -13.99 -1.45 34.44
C ILE B 77 -14.44 -0.62 35.65
N TYR B 78 -15.08 0.51 35.38
CA TYR B 78 -15.45 1.42 36.46
C TYR B 78 -16.59 2.32 36.00
N ASP B 79 -17.48 2.63 36.96
CA ASP B 79 -18.54 3.62 36.78
C ASP B 79 -17.99 4.90 36.15
N CYS B 80 -18.58 5.31 35.03
CA CYS B 80 -18.06 6.43 34.26
C CYS B 80 -18.18 7.76 35.02
N ASN B 81 -19.15 7.88 35.90
CA ASN B 81 -19.33 9.15 36.59
C ASN B 81 -18.46 9.25 37.84
N THR B 82 -18.28 8.15 38.55
CA THR B 82 -17.54 8.24 39.79
C THR B 82 -16.04 8.10 39.57
N ALA B 83 -15.62 7.71 38.38
CA ALA B 83 -14.19 7.55 38.10
C ALA B 83 -13.56 8.92 37.80
N ALA B 84 -12.24 8.96 37.89
CA ALA B 84 -11.53 10.16 37.46
C ALA B 84 -11.66 10.30 35.95
N THR B 85 -12.23 11.43 35.51
CA THR B 85 -12.56 11.63 34.10
C THR B 85 -11.34 11.43 33.22
N ASP B 86 -10.19 11.92 33.67
CA ASP B 86 -8.97 11.81 32.87
C ASP B 86 -8.49 10.37 32.74
N ALA B 87 -9.00 9.46 33.56
CA ALA B 87 -8.64 8.06 33.49
C ALA B 87 -9.56 7.25 32.60
N THR B 88 -10.65 7.86 32.13
CA THR B 88 -11.65 7.19 31.31
C THR B 88 -11.52 7.52 29.84
N ARG B 89 -10.59 8.39 29.48
CA ARG B 89 -10.49 8.89 28.12
C ARG B 89 -9.32 8.22 27.40
N TRP B 90 -9.61 7.70 26.21
CA TRP B 90 -8.63 7.09 25.34
C TRP B 90 -8.76 7.62 23.92
N GLN B 91 -7.62 7.83 23.26
CA GLN B 91 -7.58 8.07 21.82
C GLN B 91 -7.25 6.75 21.13
N ILE B 92 -8.08 6.36 20.17
CA ILE B 92 -7.75 5.25 19.27
C ILE B 92 -7.04 5.82 18.06
N TRP B 93 -5.79 5.41 17.84
CA TRP B 93 -5.00 5.95 16.75
C TRP B 93 -5.14 5.13 15.48
N ASP B 94 -4.79 5.76 14.36
CA ASP B 94 -4.83 5.04 13.10
C ASP B 94 -3.70 4.02 12.98
N ASN B 95 -2.53 4.24 13.62
CA ASN B 95 -1.48 3.23 13.62
C ASN B 95 -1.68 2.13 14.66
N GLY B 96 -2.87 1.96 15.26
CA GLY B 96 -3.17 0.77 16.04
C GLY B 96 -3.02 0.87 17.55
N THR B 97 -2.61 2.01 18.06
CA THR B 97 -2.32 2.22 19.47
C THR B 97 -3.51 2.87 20.19
N ILE B 98 -3.83 2.36 21.38
CA ILE B 98 -4.86 2.95 22.24
C ILE B 98 -4.16 3.63 23.41
N ILE B 99 -4.16 4.96 23.38
CA ILE B 99 -3.40 5.76 24.34
C ILE B 99 -4.37 6.42 25.32
N ASN B 100 -3.88 6.68 26.54
CA ASN B 100 -4.62 7.45 27.53
C ASN B 100 -3.98 8.83 27.62
N PRO B 101 -4.67 9.88 27.18
CA PRO B 101 -4.01 11.19 27.04
C PRO B 101 -3.34 11.75 28.29
N ARG B 102 -4.00 11.70 29.45
CA ARG B 102 -3.38 12.32 30.62
C ARG B 102 -2.09 11.61 30.97
N SER B 103 -2.09 10.29 30.83
CA SER B 103 -0.93 9.50 31.16
C SER B 103 0.11 9.48 30.05
N SER B 104 -0.31 9.61 28.79
CA SER B 104 0.53 9.32 27.62
C SER B 104 0.97 7.85 27.60
N LEU B 105 0.27 6.98 28.33
CA LEU B 105 0.57 5.57 28.33
C LEU B 105 -0.52 4.85 27.57
N VAL B 106 -0.26 3.59 27.26
N VAL B 106 -0.21 3.63 27.13
CA VAL B 106 -0.91 2.90 26.15
CA VAL B 106 -0.98 2.95 26.11
C VAL B 106 -1.43 1.55 26.65
C VAL B 106 -1.45 1.61 26.68
N LEU B 107 -2.66 1.22 26.28
CA LEU B 107 -3.25 -0.05 26.66
C LEU B 107 -2.39 -1.22 26.16
N ALA B 108 -1.98 -2.07 27.09
CA ALA B 108 -0.93 -3.03 26.79
C ALA B 108 -1.32 -4.38 27.35
N ALA B 109 -0.70 -5.40 26.78
CA ALA B 109 -0.94 -6.79 27.15
C ALA B 109 0.44 -7.41 27.26
N THR B 110 1.04 -7.32 28.46
CA THR B 110 2.45 -7.70 28.65
C THR B 110 2.66 -9.20 28.63
N SER B 111 1.61 -9.97 28.43
CA SER B 111 1.68 -11.41 28.26
C SER B 111 0.65 -11.82 27.23
N GLY B 112 0.85 -13.01 26.64
CA GLY B 112 -0.01 -13.48 25.58
C GLY B 112 -0.98 -14.58 25.93
N ASN B 113 -1.08 -14.97 27.19
CA ASN B 113 -1.96 -16.07 27.56
C ASN B 113 -3.36 -15.52 27.87
N SER B 114 -4.35 -16.38 27.66
CA SER B 114 -5.70 -16.08 28.10
C SER B 114 -5.69 -15.73 29.58
N GLY B 115 -6.48 -14.73 29.95
CA GLY B 115 -6.54 -14.27 31.31
C GLY B 115 -5.50 -13.23 31.69
N THR B 116 -4.63 -12.84 30.77
CA THR B 116 -3.66 -11.79 31.06
C THR B 116 -4.35 -10.47 31.39
N THR B 117 -3.84 -9.78 32.41
CA THR B 117 -4.43 -8.51 32.84
C THR B 117 -3.86 -7.34 32.03
N LEU B 118 -4.74 -6.47 31.55
CA LEU B 118 -4.29 -5.38 30.70
C LEU B 118 -3.66 -4.28 31.55
N THR B 119 -2.67 -3.61 30.97
CA THR B 119 -1.94 -2.57 31.67
C THR B 119 -1.86 -1.35 30.78
N VAL B 120 -1.21 -0.32 31.31
CA VAL B 120 -0.84 0.86 30.54
C VAL B 120 0.67 0.94 30.67
N GLN B 121 1.35 1.05 29.54
CA GLN B 121 2.79 1.03 29.55
C GLN B 121 3.28 2.20 28.72
N THR B 122 4.56 2.49 28.85
CA THR B 122 5.18 3.40 27.90
C THR B 122 5.05 2.82 26.50
N ASN B 123 4.68 3.67 25.56
CA ASN B 123 4.46 3.20 24.20
C ASN B 123 5.80 2.94 23.50
N ILE B 124 5.93 1.76 22.94
CA ILE B 124 7.09 1.44 22.12
C ILE B 124 6.61 0.77 20.85
N TYR B 125 5.37 1.04 20.44
CA TYR B 125 4.79 0.50 19.19
C TYR B 125 5.04 -1.00 19.09
N ALA B 126 4.75 -1.68 20.18
CA ALA B 126 5.01 -3.11 20.29
C ALA B 126 3.70 -3.87 20.07
N VAL B 127 3.87 -5.15 19.72
CA VAL B 127 2.75 -6.03 19.41
C VAL B 127 1.82 -6.18 20.60
N SER B 128 2.38 -6.14 21.81
CA SER B 128 1.63 -6.09 23.07
C SER B 128 0.81 -4.82 23.23
N GLN B 129 1.08 -3.80 22.41
CA GLN B 129 0.42 -2.51 22.51
C GLN B 129 -0.40 -2.17 21.27
N GLY B 130 -0.60 -3.11 20.37
CA GLY B 130 -1.34 -2.85 19.16
C GLY B 130 -2.73 -3.45 19.30
N TRP B 131 -3.74 -2.69 18.87
CA TRP B 131 -5.12 -3.12 18.97
C TRP B 131 -5.85 -2.73 17.70
N LEU B 132 -7.06 -3.24 17.59
CA LEU B 132 -7.91 -2.89 16.47
C LEU B 132 -9.37 -3.13 16.85
N PRO B 133 -10.26 -2.15 16.60
CA PRO B 133 -11.70 -2.33 16.89
C PRO B 133 -12.52 -2.87 15.73
N THR B 134 -13.10 -4.04 15.93
CA THR B 134 -13.72 -4.84 14.88
C THR B 134 -14.65 -5.85 15.54
N ASN B 135 -15.64 -6.33 14.80
CA ASN B 135 -16.27 -7.59 15.17
C ASN B 135 -15.74 -8.74 14.35
N ASN B 136 -14.73 -8.49 13.53
CA ASN B 136 -14.06 -9.52 12.72
C ASN B 136 -13.04 -10.21 13.59
N THR B 137 -13.34 -11.45 14.02
CA THR B 137 -12.44 -12.12 14.95
C THR B 137 -11.20 -12.70 14.27
N GLN B 138 -11.29 -13.14 13.03
CA GLN B 138 -10.09 -13.78 12.51
C GLN B 138 -9.23 -12.79 11.75
N PRO B 139 -7.93 -13.05 11.64
CA PRO B 139 -7.03 -12.09 10.99
C PRO B 139 -7.22 -12.06 9.48
N PHE B 140 -6.57 -11.08 8.87
CA PHE B 140 -6.64 -10.84 7.43
C PHE B 140 -5.58 -11.67 6.72
N VAL B 141 -6.02 -12.65 5.93
CA VAL B 141 -5.12 -13.57 5.23
C VAL B 141 -4.94 -13.09 3.79
N THR B 142 -3.76 -12.59 3.48
CA THR B 142 -3.43 -12.03 2.18
C THR B 142 -2.11 -12.60 1.67
N THR B 143 -1.98 -12.69 0.35
CA THR B 143 -0.63 -12.70 -0.17
C THR B 143 -0.13 -11.26 -0.21
N ILE B 144 1.18 -11.08 -0.22
CA ILE B 144 1.81 -9.75 -0.15
C ILE B 144 2.73 -9.64 -1.36
N VAL B 145 2.27 -8.94 -2.43
CA VAL B 145 3.01 -8.82 -3.68
C VAL B 145 3.91 -7.60 -3.62
N GLY B 146 5.08 -7.70 -4.25
CA GLY B 146 6.09 -6.65 -4.18
C GLY B 146 6.89 -6.50 -5.45
N LEU B 147 8.16 -6.17 -5.30
CA LEU B 147 9.12 -5.95 -6.38
C LEU B 147 9.00 -6.99 -7.48
N TYR B 148 8.93 -6.50 -8.73
CA TYR B 148 8.79 -7.32 -9.94
C TYR B 148 7.54 -8.18 -9.88
N GLY B 149 6.58 -7.79 -9.05
CA GLY B 149 5.38 -8.58 -8.91
C GLY B 149 5.59 -9.88 -8.18
N LEU B 150 6.68 -9.99 -7.41
CA LEU B 150 7.00 -11.21 -6.71
C LEU B 150 6.29 -11.26 -5.34
N CYS B 151 6.15 -12.46 -4.81
CA CYS B 151 5.38 -12.67 -3.59
C CYS B 151 6.28 -12.88 -2.38
N LEU B 152 5.85 -12.31 -1.26
CA LEU B 152 6.50 -12.58 0.02
C LEU B 152 6.28 -14.05 0.41
N GLN B 153 7.36 -14.72 0.78
CA GLN B 153 7.29 -16.14 1.03
C GLN B 153 8.03 -16.47 2.32
N ALA B 154 7.47 -17.37 3.10
CA ALA B 154 8.13 -17.86 4.29
C ALA B 154 8.61 -19.28 4.04
N ASN B 155 9.78 -19.60 4.56
CA ASN B 155 10.20 -21.00 4.69
C ASN B 155 10.98 -21.12 5.99
N SER B 156 10.37 -21.77 6.98
CA SER B 156 10.84 -21.76 8.36
C SER B 156 11.26 -20.35 8.76
N GLY B 157 12.45 -20.21 9.34
CA GLY B 157 12.88 -18.89 9.78
C GLY B 157 13.05 -17.86 8.68
N GLN B 158 13.31 -18.32 7.46
CA GLN B 158 13.72 -17.42 6.39
C GLN B 158 12.51 -16.85 5.64
N VAL B 159 12.65 -15.62 5.18
CA VAL B 159 11.61 -14.99 4.37
C VAL B 159 12.25 -14.19 3.25
N TRP B 160 11.72 -14.37 2.03
CA TRP B 160 12.20 -13.68 0.84
C TRP B 160 11.03 -13.55 -0.14
N ILE B 161 11.26 -12.88 -1.26
CA ILE B 161 10.21 -12.80 -2.28
C ILE B 161 10.61 -13.64 -3.48
N GLU B 162 9.60 -14.22 -4.12
CA GLU B 162 9.78 -15.23 -5.15
C GLU B 162 8.53 -15.21 -6.02
N ASP B 163 8.55 -15.98 -7.10
CA ASP B 163 7.42 -16.02 -8.02
C ASP B 163 6.15 -16.47 -7.34
N CYS B 164 5.06 -15.75 -7.64
CA CYS B 164 3.77 -15.96 -6.95
C CYS B 164 3.10 -17.21 -7.50
N SER B 165 2.92 -18.20 -6.64
CA SER B 165 2.20 -19.42 -6.99
C SER B 165 0.87 -19.41 -6.23
N SER B 166 -0.22 -19.62 -6.96
CA SER B 166 -1.54 -19.41 -6.38
C SER B 166 -1.86 -20.45 -5.33
N GLU B 167 -1.29 -21.65 -5.47
CA GLU B 167 -1.38 -22.63 -4.41
C GLU B 167 -0.69 -22.11 -3.16
N LYS B 168 0.57 -21.69 -3.30
CA LYS B 168 1.57 -21.78 -2.25
C LYS B 168 1.15 -21.21 -0.89
N ALA B 169 0.87 -22.08 0.08
CA ALA B 169 0.53 -21.62 1.42
C ALA B 169 1.69 -20.87 2.05
N GLU B 170 2.91 -21.18 1.65
CA GLU B 170 4.08 -20.50 2.17
C GLU B 170 4.07 -19.04 1.84
N GLN B 171 3.18 -18.61 0.94
CA GLN B 171 3.04 -17.21 0.59
C GLN B 171 1.77 -16.57 1.14
N GLN B 172 0.99 -17.29 1.93
CA GLN B 172 -0.17 -16.72 2.62
C GLN B 172 0.22 -16.14 3.98
N TRP B 173 -0.40 -15.01 4.33
CA TRP B 173 -0.01 -14.31 5.55
C TRP B 173 -1.23 -13.84 6.33
N ALA B 174 -1.12 -13.86 7.65
CA ALA B 174 -2.19 -13.43 8.55
C ALA B 174 -1.79 -12.10 9.18
N LEU B 175 -2.51 -11.04 8.82
CA LEU B 175 -2.34 -9.74 9.44
C LEU B 175 -3.15 -9.75 10.72
N TYR B 176 -2.48 -9.68 11.86
CA TYR B 176 -3.14 -9.81 13.15
C TYR B 176 -3.53 -8.45 13.70
N ALA B 177 -4.63 -8.42 14.46
CA ALA B 177 -5.14 -7.18 15.04
C ALA B 177 -4.09 -6.40 15.82
N ASP B 178 -3.03 -7.09 16.28
CA ASP B 178 -1.95 -6.50 17.04
C ASP B 178 -0.84 -5.92 16.16
N GLY B 179 -1.04 -5.91 14.83
CA GLY B 179 -0.05 -5.41 13.89
C GLY B 179 1.09 -6.35 13.55
N SER B 180 0.98 -7.64 13.92
CA SER B 180 1.97 -8.62 13.53
C SER B 180 1.53 -9.34 12.25
N ILE B 181 2.52 -9.75 11.47
CA ILE B 181 2.35 -10.41 10.18
C ILE B 181 2.84 -11.85 10.31
N ARG B 182 1.93 -12.79 10.13
CA ARG B 182 2.29 -14.12 10.58
C ARG B 182 2.24 -15.12 9.43
N PRO B 183 3.19 -16.05 9.36
CA PRO B 183 3.09 -17.13 8.36
C PRO B 183 1.84 -17.96 8.60
N GLN B 184 1.08 -18.18 7.52
CA GLN B 184 -0.20 -18.89 7.66
C GLN B 184 -0.02 -20.27 8.29
N GLN B 185 1.15 -20.88 8.13
CA GLN B 185 1.37 -22.25 8.58
C GLN B 185 1.99 -22.35 9.95
N ASN B 186 2.41 -21.25 10.55
CA ASN B 186 2.76 -21.25 11.97
C ASN B 186 2.34 -19.89 12.51
N ARG B 187 1.06 -19.79 12.86
CA ARG B 187 0.54 -18.55 13.43
C ARG B 187 1.12 -18.24 14.80
N ASP B 188 1.86 -19.19 15.41
CA ASP B 188 2.65 -18.89 16.59
C ASP B 188 3.85 -18.00 16.28
N ASN B 189 4.19 -17.80 15.01
CA ASN B 189 5.43 -17.14 14.68
C ASN B 189 5.18 -15.86 13.90
N CYS B 190 6.16 -14.95 13.98
CA CYS B 190 5.92 -13.57 13.61
C CYS B 190 7.03 -13.04 12.72
N LEU B 191 6.62 -12.28 11.71
CA LEU B 191 7.54 -11.46 10.92
C LEU B 191 8.30 -10.52 11.83
N THR B 192 9.62 -10.63 11.84
CA THR B 192 10.41 -10.13 12.96
C THR B 192 11.66 -9.42 12.47
N SER B 193 11.92 -8.23 13.00
CA SER B 193 13.21 -7.57 12.87
C SER B 193 13.99 -7.68 14.19
N ASP B 194 15.25 -8.13 14.09
CA ASP B 194 16.07 -8.43 15.27
C ASP B 194 16.61 -7.15 15.90
N SER B 195 16.61 -6.06 15.15
CA SER B 195 17.29 -4.84 15.57
C SER B 195 16.54 -3.67 14.95
N ASN B 196 16.78 -2.49 15.53
CA ASN B 196 16.21 -1.25 15.06
C ASN B 196 17.15 -0.50 14.13
N ILE B 197 17.94 -1.21 13.34
CA ILE B 197 18.98 -0.57 12.56
C ILE B 197 18.87 -0.97 11.09
N ARG B 198 19.45 -0.13 10.23
CA ARG B 198 19.55 -0.37 8.81
C ARG B 198 19.99 -1.80 8.52
N GLU B 199 19.45 -2.35 7.43
CA GLU B 199 19.85 -3.63 6.86
C GLU B 199 19.81 -4.76 7.87
N THR B 200 19.07 -4.57 8.95
CA THR B 200 18.59 -5.69 9.74
C THR B 200 17.83 -6.67 8.85
N VAL B 201 18.26 -7.92 8.81
CA VAL B 201 17.57 -8.92 7.98
C VAL B 201 16.38 -9.46 8.76
N VAL B 202 15.20 -9.37 8.16
CA VAL B 202 13.94 -9.66 8.83
C VAL B 202 13.61 -11.14 8.67
N LYS B 203 13.21 -11.79 9.76
CA LYS B 203 13.07 -13.25 9.81
C LYS B 203 11.70 -13.61 10.37
N ILE B 204 11.41 -14.91 10.37
CA ILE B 204 10.29 -15.49 11.11
C ILE B 204 10.83 -16.07 12.40
N LEU B 205 10.30 -15.61 13.53
CA LEU B 205 10.68 -16.10 14.86
C LEU B 205 9.43 -16.29 15.70
N SER B 206 9.61 -16.72 16.94
CA SER B 206 8.51 -16.78 17.92
C SER B 206 7.93 -15.38 18.15
N CYS B 207 6.58 -15.27 18.15
CA CYS B 207 5.91 -14.06 18.61
C CYS B 207 5.98 -13.85 20.11
N GLY B 208 6.48 -14.83 20.85
CA GLY B 208 6.60 -14.75 22.28
C GLY B 208 6.82 -13.36 22.83
N PRO B 209 7.90 -12.69 22.41
CA PRO B 209 8.20 -11.36 22.98
C PRO B 209 7.18 -10.27 22.63
N ALA B 210 6.33 -10.44 21.61
CA ALA B 210 5.39 -9.40 21.17
C ALA B 210 6.05 -8.03 21.10
N SER B 211 7.18 -7.97 20.39
CA SER B 211 8.09 -6.85 20.50
C SER B 211 7.77 -5.73 19.53
N SER B 212 8.45 -4.61 19.74
CA SER B 212 8.39 -3.50 18.81
C SER B 212 8.84 -3.90 17.41
N GLY B 213 9.85 -4.77 17.32
CA GLY B 213 10.33 -5.19 16.02
C GLY B 213 9.44 -6.15 15.31
N GLN B 214 8.36 -6.63 15.96
CA GLN B 214 7.41 -7.53 15.34
C GLN B 214 6.11 -6.85 14.93
N ARG B 215 6.02 -5.52 15.05
CA ARG B 215 4.81 -4.79 14.67
C ARG B 215 4.98 -4.08 13.32
N TRP B 216 3.94 -4.10 12.49
CA TRP B 216 4.01 -3.50 11.15
C TRP B 216 2.71 -2.78 10.83
N MET B 217 2.79 -1.84 9.88
CA MET B 217 1.62 -1.09 9.39
C MET B 217 1.69 -0.95 7.87
N PHE B 218 0.67 -1.45 7.18
CA PHE B 218 0.56 -1.17 5.74
C PHE B 218 0.17 0.29 5.56
N LYS B 219 1.00 1.06 4.87
CA LYS B 219 0.77 2.49 4.75
C LYS B 219 0.22 2.83 3.37
N ASN B 220 -0.21 4.09 3.22
CA ASN B 220 -1.03 4.47 2.08
C ASN B 220 -0.19 4.61 0.82
N ASP B 221 1.09 4.93 0.97
CA ASP B 221 2.08 4.93 -0.11
C ASP B 221 2.52 3.54 -0.52
N GLY B 222 1.96 2.47 0.07
CA GLY B 222 2.34 1.12 -0.30
C GLY B 222 3.57 0.56 0.39
N THR B 223 4.24 1.33 1.24
CA THR B 223 5.28 0.78 2.08
C THR B 223 4.66 -0.01 3.24
N ILE B 224 5.51 -0.70 3.98
CA ILE B 224 5.16 -1.39 5.22
C ILE B 224 6.17 -0.93 6.26
N LEU B 225 5.66 -0.37 7.37
CA LEU B 225 6.46 0.40 8.31
C LEU B 225 6.59 -0.34 9.63
N ASN B 226 7.85 -0.47 10.09
CA ASN B 226 8.10 -0.86 11.47
C ASN B 226 7.96 0.39 12.32
N LEU B 227 6.85 0.48 13.06
CA LEU B 227 6.46 1.73 13.70
C LEU B 227 7.54 2.22 14.65
N TYR B 228 8.05 1.33 15.50
CA TYR B 228 9.03 1.76 16.48
C TYR B 228 10.27 2.32 15.80
N SER B 229 10.78 1.63 14.76
CA SER B 229 12.02 2.06 14.14
C SER B 229 11.79 3.15 13.10
N GLY B 230 10.58 3.27 12.58
CA GLY B 230 10.42 4.22 11.52
C GLY B 230 11.10 3.83 10.22
N LEU B 231 11.65 2.62 10.14
CA LEU B 231 12.13 2.06 8.88
C LEU B 231 11.07 1.16 8.26
N VAL B 232 11.29 0.80 7.00
CA VAL B 232 10.32 0.09 6.20
C VAL B 232 10.94 -1.16 5.59
N LEU B 233 10.06 -2.07 5.18
CA LEU B 233 10.49 -3.29 4.49
C LEU B 233 11.15 -2.95 3.16
N ASP B 234 12.25 -3.63 2.88
CA ASP B 234 13.10 -3.33 1.74
C ASP B 234 13.66 -4.62 1.18
N VAL B 235 13.38 -4.90 -0.09
CA VAL B 235 14.08 -5.98 -0.79
C VAL B 235 15.51 -5.50 -1.01
N ARG B 236 16.45 -6.04 -0.25
CA ARG B 236 17.78 -5.47 -0.13
C ARG B 236 18.46 -5.35 -1.50
N ALA B 237 18.80 -4.11 -1.86
CA ALA B 237 19.53 -3.82 -3.11
C ALA B 237 18.73 -4.18 -4.37
N SER B 238 17.41 -4.25 -4.28
CA SER B 238 16.56 -4.52 -5.44
C SER B 238 16.91 -5.84 -6.08
N ASP B 239 17.38 -6.77 -5.25
CA ASP B 239 17.95 -8.03 -5.71
C ASP B 239 17.19 -9.15 -5.02
N PRO B 240 16.18 -9.73 -5.66
CA PRO B 240 15.49 -10.88 -5.04
C PRO B 240 16.46 -11.98 -4.65
N SER B 241 17.47 -12.26 -5.48
CA SER B 241 18.30 -13.42 -5.28
C SER B 241 19.19 -13.34 -4.03
N LEU B 242 19.35 -12.17 -3.42
CA LEU B 242 20.03 -12.18 -2.12
C LEU B 242 19.20 -12.85 -1.03
N LYS B 243 17.92 -13.15 -1.30
CA LYS B 243 17.03 -13.84 -0.36
C LYS B 243 16.97 -13.13 0.98
N GLN B 244 17.03 -11.80 0.96
CA GLN B 244 17.05 -11.01 2.18
C GLN B 244 16.14 -9.80 2.08
N ILE B 245 15.13 -9.79 2.95
CA ILE B 245 14.26 -8.65 3.19
C ILE B 245 14.77 -7.94 4.42
N ILE B 246 14.96 -6.63 4.32
CA ILE B 246 15.59 -5.92 5.42
C ILE B 246 14.76 -4.72 5.91
N LEU B 247 15.33 -3.96 6.82
CA LEU B 247 14.79 -2.70 7.26
C LEU B 247 15.67 -1.58 6.69
N TYR B 248 15.04 -0.52 6.18
CA TYR B 248 15.82 0.48 5.49
C TYR B 248 15.07 1.79 5.56
N PRO B 249 15.76 2.91 5.72
CA PRO B 249 15.06 4.20 5.72
C PRO B 249 14.29 4.36 4.42
N LEU B 250 13.20 5.11 4.52
CA LEU B 250 12.25 5.22 3.42
C LEU B 250 12.78 6.11 2.31
N HIS B 251 12.76 5.58 1.08
CA HIS B 251 12.97 6.40 -0.11
C HIS B 251 11.90 6.21 -1.18
N GLY B 252 11.05 5.18 -1.06
CA GLY B 252 9.90 5.03 -1.94
C GLY B 252 10.12 4.39 -3.30
N ASP B 253 11.31 3.88 -3.60
CA ASP B 253 11.54 3.22 -4.88
C ASP B 253 10.82 1.86 -4.87
N PRO B 254 10.67 1.21 -6.04
CA PRO B 254 9.81 0.02 -6.09
C PRO B 254 10.18 -1.12 -5.16
N ASN B 255 11.43 -1.22 -4.72
CA ASN B 255 11.84 -2.27 -3.79
C ASN B 255 11.32 -2.06 -2.37
N GLN B 256 10.51 -1.01 -2.15
CA GLN B 256 9.87 -0.77 -0.86
C GLN B 256 8.36 -0.72 -0.98
N ILE B 257 7.81 -0.97 -2.17
CA ILE B 257 6.38 -0.90 -2.41
C ILE B 257 5.82 -2.31 -2.41
N TRP B 258 4.74 -2.50 -1.67
CA TRP B 258 4.06 -3.78 -1.60
C TRP B 258 2.57 -3.56 -1.77
N LEU B 259 1.85 -4.67 -1.89
CA LEU B 259 0.41 -4.57 -1.91
C LEU B 259 -0.25 -5.83 -1.35
N PRO B 260 -1.25 -5.68 -0.46
CA PRO B 260 -1.95 -6.84 0.08
C PRO B 260 -3.04 -7.34 -0.87
N LEU B 261 -2.72 -8.34 -1.72
CA LEU B 261 -3.61 -8.90 -2.72
C LEU B 261 -4.28 -10.16 -2.18
N PHE B 262 -5.59 -10.08 -1.97
CA PHE B 262 -6.38 -11.16 -1.41
C PHE B 262 -7.32 -11.55 -2.50
N GLN C 1 21.79 -6.06 -23.63
CA GLN C 1 21.83 -4.83 -24.42
C GLN C 1 22.78 -3.80 -23.82
N VAL C 2 22.63 -3.51 -22.53
CA VAL C 2 23.56 -2.67 -21.80
C VAL C 2 24.80 -3.48 -21.45
N GLN C 3 25.98 -2.85 -21.48
CA GLN C 3 27.25 -3.53 -21.24
C GLN C 3 28.06 -2.77 -20.20
N LEU C 4 28.77 -3.53 -19.36
CA LEU C 4 29.48 -2.97 -18.21
C LEU C 4 30.95 -3.36 -18.31
N VAL C 5 31.83 -2.36 -18.33
CA VAL C 5 33.27 -2.59 -18.40
C VAL C 5 33.90 -2.13 -17.10
N GLU C 6 34.80 -2.94 -16.55
CA GLU C 6 35.32 -2.80 -15.21
C GLU C 6 36.80 -2.47 -15.24
N THR C 7 37.34 -2.08 -14.07
CA THR C 7 38.73 -1.67 -13.94
C THR C 7 39.15 -1.83 -12.48
N GLY C 8 40.47 -1.87 -12.27
CA GLY C 8 41.04 -1.68 -10.95
C GLY C 8 41.41 -2.94 -10.20
N GLY C 9 41.18 -4.11 -10.77
CA GLY C 9 41.62 -5.35 -10.17
C GLY C 9 43.11 -5.26 -9.88
N GLY C 10 43.56 -5.75 -8.74
CA GLY C 10 44.95 -5.56 -8.38
C GLY C 10 45.57 -6.69 -7.57
N LEU C 11 46.79 -6.45 -7.09
CA LEU C 11 47.63 -7.45 -6.44
C LEU C 11 48.19 -6.82 -5.16
N VAL C 12 47.60 -7.13 -4.01
CA VAL C 12 47.85 -6.35 -2.79
C VAL C 12 48.11 -7.27 -1.60
N GLN C 13 48.87 -6.74 -0.61
CA GLN C 13 49.14 -7.35 0.68
C GLN C 13 48.24 -6.76 1.75
N PRO C 14 48.03 -7.46 2.87
CA PRO C 14 47.07 -6.97 3.88
C PRO C 14 47.33 -5.54 4.32
N GLY C 15 46.30 -4.71 4.22
CA GLY C 15 46.40 -3.32 4.60
C GLY C 15 46.55 -2.34 3.46
N GLY C 16 46.57 -2.80 2.21
CA GLY C 16 46.67 -1.89 1.09
C GLY C 16 45.38 -1.14 0.79
N SER C 17 45.27 -0.60 -0.42
CA SER C 17 44.05 0.09 -0.81
C SER C 17 43.83 -0.08 -2.31
N LEU C 18 42.58 -0.35 -2.69
CA LEU C 18 42.24 -0.60 -4.08
C LEU C 18 40.92 0.06 -4.44
N LYS C 19 40.91 0.77 -5.57
CA LYS C 19 39.71 1.36 -6.13
C LYS C 19 39.34 0.65 -7.43
N LEU C 20 38.04 0.37 -7.58
CA LEU C 20 37.49 -0.33 -8.73
C LEU C 20 36.53 0.59 -9.47
N SER C 21 36.60 0.57 -10.79
CA SER C 21 35.77 1.43 -11.62
C SER C 21 34.90 0.60 -12.54
N CYS C 22 33.79 1.17 -12.98
CA CYS C 22 32.90 0.49 -13.90
C CYS C 22 32.13 1.51 -14.73
N ALA C 23 32.14 1.33 -16.05
CA ALA C 23 31.38 2.13 -16.99
C ALA C 23 30.29 1.28 -17.62
N ALA C 24 29.25 1.95 -18.10
CA ALA C 24 28.10 1.30 -18.71
C ALA C 24 27.72 2.03 -19.98
N SER C 25 26.95 1.35 -20.83
CA SER C 25 26.55 1.88 -22.13
C SER C 25 25.30 2.75 -22.01
N SER C 27 21.83 4.03 -21.19
CA SER C 27 20.92 4.39 -20.10
C SER C 27 20.08 3.21 -19.65
N ILE C 28 19.73 3.20 -18.37
CA ILE C 28 18.90 2.16 -17.77
C ILE C 28 17.69 2.82 -17.10
N SER C 29 16.63 2.04 -16.92
CA SER C 29 15.37 2.58 -16.43
C SER C 29 15.57 3.32 -15.10
N SER C 30 14.59 4.16 -14.77
CA SER C 30 14.91 5.37 -13.99
C SER C 30 15.27 5.09 -12.55
N PRO C 31 14.42 4.42 -11.72
CA PRO C 31 14.92 3.94 -10.41
C PRO C 31 15.69 2.64 -10.55
N ASN C 32 17.00 2.72 -10.33
CA ASN C 32 17.89 1.58 -10.56
C ASN C 32 18.90 1.48 -9.43
N VAL C 33 19.80 0.51 -9.56
CA VAL C 33 20.98 0.36 -8.72
C VAL C 33 22.16 0.02 -9.62
N MET C 34 23.35 0.47 -9.22
CA MET C 34 24.60 0.09 -9.88
C MET C 34 25.67 -0.04 -8.83
N GLY C 35 26.26 -1.22 -8.72
CA GLY C 35 27.28 -1.47 -7.71
C GLY C 35 28.13 -2.68 -8.01
N TRP C 36 28.63 -3.30 -6.94
CA TRP C 36 29.65 -4.34 -7.01
C TRP C 36 29.25 -5.56 -6.20
N TYR C 37 29.51 -6.72 -6.77
CA TYR C 37 29.45 -8.00 -6.10
C TYR C 37 30.84 -8.61 -6.13
N ARG C 38 30.99 -9.77 -5.50
CA ARG C 38 32.29 -10.40 -5.47
C ARG C 38 32.11 -11.85 -5.10
N GLN C 39 32.99 -12.70 -5.65
CA GLN C 39 32.96 -14.13 -5.38
C GLN C 39 34.39 -14.65 -5.30
N ALA C 40 34.76 -15.20 -4.15
CA ALA C 40 36.01 -15.96 -4.12
C ALA C 40 35.71 -17.42 -4.43
N PRO C 41 36.60 -18.11 -5.15
CA PRO C 41 36.27 -19.46 -5.64
C PRO C 41 35.93 -20.39 -4.49
N GLY C 42 34.97 -21.28 -4.75
CA GLY C 42 34.47 -22.20 -3.76
C GLY C 42 33.28 -21.68 -2.99
N LYS C 43 33.22 -20.38 -2.76
CA LYS C 43 32.11 -19.77 -2.03
C LYS C 43 31.21 -19.02 -3.00
N GLN C 44 30.03 -18.64 -2.50
CA GLN C 44 28.95 -18.11 -3.31
C GLN C 44 29.10 -16.61 -3.53
N ARG C 45 28.39 -16.11 -4.53
CA ARG C 45 28.46 -14.70 -4.85
C ARG C 45 27.69 -13.86 -3.84
N GLU C 46 28.29 -12.73 -3.47
CA GLU C 46 27.88 -11.94 -2.33
C GLU C 46 27.90 -10.47 -2.72
N LEU C 47 26.83 -9.77 -2.39
CA LEU C 47 26.82 -8.32 -2.54
C LEU C 47 27.83 -7.68 -1.60
N VAL C 48 28.54 -6.67 -2.09
CA VAL C 48 29.39 -5.87 -1.25
C VAL C 48 28.87 -4.45 -1.08
N ALA C 49 28.41 -3.82 -2.18
CA ALA C 49 27.83 -2.48 -2.09
C ALA C 49 27.23 -2.12 -3.44
N THR C 50 26.05 -1.54 -3.41
CA THR C 50 25.45 -0.97 -4.60
C THR C 50 24.67 0.27 -4.18
N MET C 51 24.61 1.25 -5.08
CA MET C 51 23.93 2.49 -4.77
C MET C 51 22.65 2.62 -5.58
N THR C 52 21.65 3.25 -4.97
CA THR C 52 20.41 3.45 -5.68
C THR C 52 20.55 4.58 -6.69
N SER C 53 19.63 4.57 -7.65
CA SER C 53 19.36 5.71 -8.53
C SER C 53 19.32 7.01 -7.74
N GLY C 54 18.77 7.00 -6.53
CA GLY C 54 18.69 8.19 -5.71
C GLY C 54 19.65 8.23 -4.53
N GLY C 55 20.89 7.76 -4.74
CA GLY C 55 21.99 8.02 -3.82
C GLY C 55 22.07 7.17 -2.58
N ASN C 56 21.10 6.32 -2.31
CA ASN C 56 21.18 5.46 -1.13
C ASN C 56 21.95 4.20 -1.46
N THR C 57 22.57 3.61 -0.44
CA THR C 57 23.44 2.46 -0.67
C THR C 57 23.12 1.34 0.31
N TYR C 58 23.18 0.12 -0.20
CA TYR C 58 23.20 -1.10 0.61
C TYR C 58 24.59 -1.71 0.51
N SER C 59 25.16 -2.10 1.64
CA SER C 59 26.49 -2.68 1.69
C SER C 59 26.51 -3.77 2.75
N GLU C 60 27.57 -4.57 2.72
CA GLU C 60 27.66 -5.69 3.65
C GLU C 60 28.34 -5.27 4.94
N ASP C 61 27.84 -5.82 6.06
CA ASP C 61 28.30 -5.41 7.38
C ASP C 61 29.82 -5.49 7.50
N SER C 62 30.40 -6.62 7.10
CA SER C 62 31.83 -6.85 7.22
C SER C 62 32.67 -5.77 6.55
N VAL C 63 32.13 -5.09 5.54
CA VAL C 63 32.91 -4.18 4.71
C VAL C 63 32.59 -2.70 4.96
N LYS C 64 31.59 -2.39 5.77
CA LYS C 64 31.25 -0.99 6.00
C LYS C 64 32.38 -0.28 6.74
N GLY C 65 32.45 1.02 6.56
CA GLY C 65 33.58 1.80 7.07
C GLY C 65 34.80 1.73 6.17
N ARG C 66 35.18 0.52 5.75
CA ARG C 66 36.37 0.37 4.92
C ARG C 66 36.14 0.78 3.47
N PHE C 67 34.92 0.60 2.95
CA PHE C 67 34.66 0.62 1.52
C PHE C 67 33.67 1.73 1.16
N THR C 68 33.98 2.51 0.12
CA THR C 68 33.23 3.69 -0.29
C THR C 68 32.73 3.53 -1.73
N ILE C 69 31.46 3.84 -1.96
CA ILE C 69 30.84 3.63 -3.26
C ILE C 69 30.19 4.93 -3.73
N SER C 70 30.71 5.49 -4.82
CA SER C 70 30.19 6.72 -5.41
C SER C 70 29.70 6.46 -6.83
N ARG C 71 28.71 7.23 -7.25
CA ARG C 71 28.28 7.30 -8.65
C ARG C 71 28.23 8.75 -9.10
N ASP C 72 27.81 8.94 -10.35
CA ASP C 72 27.45 10.26 -10.84
C ASP C 72 26.29 10.25 -11.82
N ASN C 73 25.84 9.07 -12.29
CA ASN C 73 24.65 8.93 -13.12
C ASN C 73 24.75 9.63 -14.47
N ALA C 74 25.68 10.59 -14.60
CA ALA C 74 25.74 11.42 -15.80
C ALA C 74 25.66 10.57 -17.06
N LYS C 75 26.59 9.63 -17.22
CA LYS C 75 26.46 8.52 -18.14
C LYS C 75 27.03 7.26 -17.49
N ASN C 76 26.37 6.85 -16.40
CA ASN C 76 26.39 5.48 -15.92
C ASN C 76 27.73 5.01 -15.35
N THR C 77 28.24 5.71 -14.34
CA THR C 77 29.49 5.32 -13.69
C THR C 77 29.23 4.90 -12.25
N VAL C 78 30.06 3.97 -11.77
CA VAL C 78 30.10 3.60 -10.36
C VAL C 78 31.54 3.33 -9.97
N TYR C 79 31.91 3.77 -8.76
CA TYR C 79 33.26 3.63 -8.24
C TYR C 79 33.22 2.89 -6.91
N LEU C 80 34.22 2.05 -6.66
CA LEU C 80 34.37 1.36 -5.38
C LEU C 80 35.75 1.65 -4.84
N GLN C 81 35.83 2.25 -3.65
CA GLN C 81 37.06 2.59 -2.99
C GLN C 81 37.23 1.65 -1.79
N MET C 82 38.45 1.16 -1.55
CA MET C 82 38.63 0.11 -0.56
C MET C 82 39.93 0.23 0.21
N ASN C 83 39.84 0.28 1.55
CA ASN C 83 40.98 0.34 2.46
C ASN C 83 40.96 -0.82 3.44
N SER C 84 42.00 -0.88 4.27
CA SER C 84 42.17 -1.94 5.27
C SER C 84 41.88 -3.30 4.65
N LEU C 85 42.65 -3.57 3.61
CA LEU C 85 42.39 -4.72 2.76
C LEU C 85 42.71 -6.01 3.51
N LYS C 86 41.75 -6.89 3.59
CA LYS C 86 41.99 -8.15 4.24
C LYS C 86 42.12 -9.25 3.20
N PRO C 87 42.95 -10.24 3.46
CA PRO C 87 43.02 -11.41 2.59
C PRO C 87 41.64 -12.03 2.36
N GLU C 88 40.64 -11.62 3.16
CA GLU C 88 39.26 -12.04 2.98
C GLU C 88 38.53 -11.25 1.89
N ASP C 89 39.05 -10.08 1.52
CA ASP C 89 38.51 -9.29 0.42
C ASP C 89 39.09 -9.69 -0.92
N THR C 90 39.50 -10.93 -1.06
CA THR C 90 40.18 -11.43 -2.24
C THR C 90 39.21 -12.31 -3.01
N ALA C 91 38.82 -11.84 -4.19
CA ALA C 91 37.76 -12.47 -4.97
C ALA C 91 37.82 -11.86 -6.36
N VAL C 92 36.93 -12.34 -7.23
CA VAL C 92 36.61 -11.62 -8.46
C VAL C 92 35.40 -10.74 -8.20
N TYR C 93 35.55 -9.45 -8.50
CA TYR C 93 34.52 -8.45 -8.22
C TYR C 93 33.76 -8.15 -9.50
N TYR C 94 32.44 -8.26 -9.44
CA TYR C 94 31.56 -8.01 -10.58
C TYR C 94 30.83 -6.68 -10.39
N CYS C 95 30.87 -5.83 -11.41
CA CYS C 95 30.04 -4.64 -11.42
C CYS C 95 28.63 -4.99 -11.91
N ASN C 96 27.62 -4.38 -11.30
CA ASN C 96 26.25 -4.80 -11.54
C ASN C 96 25.35 -3.59 -11.73
N ALA C 97 24.36 -3.74 -12.61
CA ALA C 97 23.36 -2.70 -12.84
C ALA C 97 22.03 -3.37 -13.15
N ARG C 98 20.98 -2.98 -12.41
CA ARG C 98 19.63 -3.46 -12.69
C ARG C 98 18.61 -2.37 -12.31
N ASP C 99 17.49 -2.36 -13.03
CA ASP C 99 16.44 -1.41 -12.71
C ASP C 99 15.44 -2.08 -11.76
N MET C 100 14.47 -1.30 -11.27
CA MET C 100 13.52 -1.78 -10.28
C MET C 100 12.11 -2.00 -10.82
N TRP C 101 11.90 -1.94 -12.14
CA TRP C 101 10.61 -2.24 -12.74
C TRP C 101 10.53 -3.58 -13.43
N ASP C 102 11.60 -4.04 -14.05
CA ASP C 102 11.59 -5.32 -14.76
C ASP C 102 12.70 -6.20 -14.21
N ARG C 103 12.33 -7.40 -13.76
CA ARG C 103 13.31 -8.35 -13.24
C ARG C 103 14.41 -8.62 -14.26
N SER C 104 14.06 -8.68 -15.55
CA SER C 104 15.02 -9.01 -16.59
C SER C 104 16.19 -8.04 -16.61
N HIS C 105 15.91 -6.75 -16.38
CA HIS C 105 16.86 -5.70 -16.71
C HIS C 105 17.92 -5.66 -15.62
N GLU C 106 18.83 -6.62 -15.69
CA GLU C 106 19.95 -6.82 -14.77
C GLU C 106 21.20 -7.08 -15.61
N TYR C 107 22.31 -6.41 -15.31
CA TYR C 107 23.50 -6.49 -16.14
C TYR C 107 24.79 -6.60 -15.32
N TRP C 108 25.69 -7.47 -15.80
CA TRP C 108 26.94 -7.76 -15.13
C TRP C 108 28.13 -7.50 -16.06
N GLY C 109 29.22 -7.03 -15.47
CA GLY C 109 30.50 -7.19 -16.12
C GLY C 109 30.93 -8.65 -16.04
N GLN C 110 32.19 -8.90 -16.39
CA GLN C 110 32.76 -10.22 -16.14
C GLN C 110 34.00 -10.10 -15.26
N GLY C 111 33.89 -9.26 -14.24
CA GLY C 111 34.78 -9.32 -13.11
C GLY C 111 36.19 -8.82 -13.30
N THR C 112 36.75 -8.29 -12.22
CA THR C 112 38.18 -8.04 -12.12
C THR C 112 38.69 -8.78 -10.88
N GLN C 113 39.81 -9.50 -11.03
CA GLN C 113 40.37 -10.24 -9.92
C GLN C 113 41.17 -9.30 -9.02
N VAL C 114 40.61 -8.98 -7.85
CA VAL C 114 41.36 -8.34 -6.78
C VAL C 114 42.02 -9.44 -5.96
N THR C 115 43.35 -9.44 -5.91
CA THR C 115 44.09 -10.37 -5.07
C THR C 115 44.76 -9.61 -3.93
N VAL C 116 44.47 -10.03 -2.70
CA VAL C 116 44.95 -9.33 -1.51
C VAL C 116 45.44 -10.29 -0.43
#